data_6N8C
#
_entry.id   6N8C
#
_entity_poly.entity_id   1
_entity_poly.type   'polypeptide(L)'
_entity_poly.pdbx_seq_one_letter_code
;ATLEKLMKAFESLKSFQQQQQQQ
;
_entity_poly.pdbx_strand_id   A,B,C,D
#
# COMPACT_ATOMS: atom_id res chain seq x y z
N ALA A 1 11.88 3.79 11.72
CA ALA A 1 12.03 3.81 10.25
C ALA A 1 10.72 4.27 9.61
N THR A 2 10.84 4.98 8.49
CA THR A 2 9.67 5.49 7.78
C THR A 2 8.84 4.33 7.23
N LEU A 3 9.53 3.31 6.72
CA LEU A 3 8.85 2.15 6.15
C LEU A 3 7.94 1.50 7.20
N GLU A 4 8.48 1.31 8.40
CA GLU A 4 7.70 0.69 9.48
C GLU A 4 6.45 1.51 9.76
N LYS A 5 6.60 2.83 9.86
CA LYS A 5 5.46 3.70 10.13
C LYS A 5 4.40 3.53 9.06
N LEU A 6 4.83 3.54 7.80
CA LEU A 6 3.89 3.40 6.69
C LEU A 6 3.12 2.09 6.81
N MET A 7 3.84 1.01 7.08
CA MET A 7 3.21 -0.31 7.22
C MET A 7 2.15 -0.27 8.32
N LYS A 8 2.51 0.30 9.46
CA LYS A 8 1.58 0.39 10.58
C LYS A 8 0.32 1.13 10.17
N ALA A 9 0.49 2.26 9.51
CA ALA A 9 -0.64 3.07 9.06
C ALA A 9 -1.55 2.24 8.15
N PHE A 10 -0.95 1.55 7.19
CA PHE A 10 -1.73 0.73 6.27
C PHE A 10 -2.55 -0.31 7.03
N GLU A 11 -1.90 -0.99 7.97
CA GLU A 11 -2.59 -2.01 8.76
C GLU A 11 -3.78 -1.41 9.49
N SER A 12 -3.58 -0.27 10.13
CA SER A 12 -4.65 0.40 10.85
C SER A 12 -5.82 0.69 9.91
N LEU A 13 -5.51 1.23 8.73
CA LEU A 13 -6.54 1.55 7.75
C LEU A 13 -7.33 0.30 7.38
N LYS A 14 -6.61 -0.79 7.12
CA LYS A 14 -7.25 -2.04 6.75
C LYS A 14 -8.21 -2.50 7.85
N SER A 15 -7.74 -2.44 9.09
CA SER A 15 -8.56 -2.85 10.22
C SER A 15 -9.83 -2.01 10.26
N PHE A 16 -9.67 -0.70 10.11
CA PHE A 16 -10.81 0.20 10.14
C PHE A 16 -11.81 -0.18 9.05
N GLN A 17 -11.31 -0.41 7.85
CA GLN A 17 -12.18 -0.78 6.73
C GLN A 17 -12.97 -2.05 7.06
N ALA B 1 -16.46 3.72 -2.84
CA ALA B 1 -15.81 2.39 -2.92
C ALA B 1 -14.73 2.29 -1.85
N THR B 2 -14.54 1.08 -1.31
CA THR B 2 -13.54 0.85 -0.28
C THR B 2 -12.14 1.07 -0.83
N LEU B 3 -11.93 0.62 -2.07
CA LEU B 3 -10.62 0.75 -2.71
C LEU B 3 -10.22 2.23 -2.78
N GLU B 4 -11.15 3.07 -3.21
CA GLU B 4 -10.88 4.50 -3.32
C GLU B 4 -10.46 5.07 -1.97
N LYS B 5 -11.21 4.72 -0.92
CA LYS B 5 -10.90 5.21 0.42
C LYS B 5 -9.49 4.81 0.82
N LEU B 6 -9.15 3.54 0.59
CA LEU B 6 -7.83 3.05 0.94
C LEU B 6 -6.75 3.85 0.23
N MET B 7 -6.94 4.07 -1.07
CA MET B 7 -5.97 4.83 -1.86
C MET B 7 -5.79 6.23 -1.27
N LYS B 8 -6.90 6.88 -0.96
CA LYS B 8 -6.84 8.22 -0.39
C LYS B 8 -6.03 8.22 0.90
N ALA B 9 -6.31 7.27 1.78
CA ALA B 9 -5.60 7.16 3.05
C ALA B 9 -4.10 7.01 2.81
N PHE B 10 -3.73 6.12 1.89
CA PHE B 10 -2.32 5.91 1.59
C PHE B 10 -1.66 7.21 1.13
N GLU B 11 -2.33 7.92 0.23
CA GLU B 11 -1.79 9.18 -0.28
C GLU B 11 -1.56 10.15 0.86
N SER B 12 -2.54 10.29 1.74
CA SER B 12 -2.43 11.20 2.88
C SER B 12 -1.21 10.82 3.73
N LEU B 13 -1.06 9.53 4.01
CA LEU B 13 0.06 9.06 4.81
C LEU B 13 1.38 9.44 4.15
N LYS B 14 1.47 9.20 2.85
CA LYS B 14 2.69 9.52 2.11
C LYS B 14 3.02 11.01 2.23
N SER B 15 2.00 11.85 2.04
CA SER B 15 2.19 13.29 2.13
C SER B 15 2.72 13.65 3.51
N PHE B 16 2.11 13.08 4.55
CA PHE B 16 2.53 13.36 5.91
C PHE B 16 4.00 12.98 6.10
N GLN B 17 4.36 11.79 5.63
CA GLN B 17 5.74 11.33 5.75
C GLN B 17 6.70 12.30 5.08
N ALA C 1 12.62 -9.86 6.04
CA ALA C 1 11.30 -9.59 6.67
C ALA C 1 10.23 -9.47 5.59
N THR C 2 9.02 -9.91 5.91
CA THR C 2 7.91 -9.84 4.97
C THR C 2 7.55 -8.39 4.65
N LEU C 3 7.59 -7.55 5.69
CA LEU C 3 7.25 -6.14 5.52
C LEU C 3 8.18 -5.50 4.49
N GLU C 4 9.47 -5.76 4.61
CA GLU C 4 10.45 -5.19 3.68
C GLU C 4 10.12 -5.62 2.26
N LYS C 5 9.85 -6.91 2.06
CA LYS C 5 9.52 -7.41 0.73
C LYS C 5 8.32 -6.69 0.16
N LEU C 6 7.27 -6.54 0.98
CA LEU C 6 6.06 -5.87 0.53
C LEU C 6 6.38 -4.44 0.08
N MET C 7 7.15 -3.73 0.89
CA MET C 7 7.52 -2.35 0.57
C MET C 7 8.24 -2.30 -0.78
N LYS C 8 9.20 -3.20 -0.96
CA LYS C 8 9.96 -3.25 -2.21
C LYS C 8 9.02 -3.44 -3.40
N ALA C 9 8.11 -4.40 -3.28
CA ALA C 9 7.15 -4.68 -4.34
C ALA C 9 6.35 -3.43 -4.68
N PHE C 10 5.84 -2.76 -3.65
CA PHE C 10 5.05 -1.55 -3.86
C PHE C 10 5.86 -0.51 -4.63
N GLU C 11 7.10 -0.30 -4.20
CA GLU C 11 7.96 0.68 -4.86
C GLU C 11 8.13 0.34 -6.34
N SER C 12 8.41 -0.93 -6.63
CA SER C 12 8.58 -1.37 -8.00
C SER C 12 7.32 -1.07 -8.82
N LEU C 13 6.16 -1.39 -8.25
CA LEU C 13 4.90 -1.15 -8.94
C LEU C 13 4.74 0.34 -9.25
N LYS C 14 5.03 1.18 -8.26
CA LYS C 14 4.92 2.62 -8.44
C LYS C 14 5.81 3.09 -9.59
N SER C 15 7.06 2.61 -9.58
CA SER C 15 8.01 2.99 -10.62
C SER C 15 7.45 2.60 -11.99
N PHE C 16 6.94 1.38 -12.09
CA PHE C 16 6.39 0.90 -13.35
C PHE C 16 5.26 1.80 -13.81
N GLN C 17 4.35 2.13 -12.89
CA GLN C 17 3.23 3.00 -13.22
C GLN C 17 3.72 4.34 -13.76
N ALA D 1 -8.03 2.35 -14.92
CA ALA D 1 -7.52 3.40 -14.01
C ALA D 1 -6.23 2.91 -13.35
N THR D 2 -5.31 3.84 -13.09
CA THR D 2 -4.04 3.50 -12.47
C THR D 2 -4.25 2.99 -11.05
N LEU D 3 -5.19 3.63 -10.34
CA LEU D 3 -5.47 3.24 -8.96
C LEU D 3 -5.90 1.76 -8.91
N GLU D 4 -6.80 1.38 -9.80
CA GLU D 4 -7.27 0.00 -9.84
C GLU D 4 -6.10 -0.96 -10.05
N LYS D 5 -5.23 -0.65 -11.00
CA LYS D 5 -4.08 -1.50 -11.28
C LYS D 5 -3.22 -1.66 -10.04
N LEU D 6 -2.95 -0.54 -9.36
CA LEU D 6 -2.13 -0.58 -8.16
C LEU D 6 -2.75 -1.50 -7.12
N MET D 7 -4.05 -1.35 -6.90
CA MET D 7 -4.76 -2.17 -5.92
C MET D 7 -4.61 -3.65 -6.27
N LYS D 8 -4.82 -3.98 -7.54
CA LYS D 8 -4.70 -5.36 -7.98
C LYS D 8 -3.31 -5.91 -7.68
N ALA D 9 -2.29 -5.14 -8.01
CA ALA D 9 -0.91 -5.55 -7.77
C ALA D 9 -0.69 -5.83 -6.28
N PHE D 10 -1.15 -4.91 -5.43
CA PHE D 10 -1.00 -5.09 -4.00
C PHE D 10 -1.65 -6.38 -3.53
N GLU D 11 -2.87 -6.63 -4.00
CA GLU D 11 -3.59 -7.85 -3.62
C GLU D 11 -2.79 -9.08 -4.01
N SER D 12 -2.28 -9.10 -5.24
CA SER D 12 -1.50 -10.22 -5.73
C SER D 12 -0.29 -10.45 -4.82
N LEU D 13 0.41 -9.37 -4.48
CA LEU D 13 1.58 -9.47 -3.62
C LEU D 13 1.20 -10.08 -2.28
N LYS D 14 0.11 -9.60 -1.70
CA LYS D 14 -0.35 -10.10 -0.41
C LYS D 14 -0.61 -11.60 -0.49
N SER D 15 -1.31 -12.02 -1.55
CA SER D 15 -1.64 -13.42 -1.73
C SER D 15 -0.34 -14.24 -1.79
N PHE D 16 0.62 -13.76 -2.57
CA PHE D 16 1.89 -14.45 -2.70
C PHE D 16 2.56 -14.60 -1.35
N GLN D 17 2.60 -13.51 -0.58
CA GLN D 17 3.21 -13.54 0.74
C GLN D 17 2.55 -14.59 1.62
N ALA A 1 10.28 6.09 2.98
CA ALA A 1 9.19 6.29 3.97
C ALA A 1 9.29 5.21 5.05
N THR A 2 8.95 5.59 6.28
CA THR A 2 9.01 4.65 7.39
C THR A 2 8.16 3.41 7.09
N LEU A 3 8.83 2.28 6.87
CA LEU A 3 8.13 1.04 6.58
C LEU A 3 7.15 0.68 7.71
N GLU A 4 7.63 0.78 8.95
CA GLU A 4 6.79 0.47 10.10
C GLU A 4 5.55 1.35 10.12
N LYS A 5 5.76 2.65 9.90
CA LYS A 5 4.64 3.60 9.89
C LYS A 5 3.61 3.20 8.84
N LEU A 6 4.09 2.90 7.64
CA LEU A 6 3.20 2.50 6.55
C LEU A 6 2.38 1.29 6.95
N MET A 7 3.05 0.28 7.51
CA MET A 7 2.37 -0.93 7.93
C MET A 7 1.26 -0.61 8.93
N LYS A 8 1.59 0.21 9.93
CA LYS A 8 0.62 0.60 10.94
C LYS A 8 -0.60 1.26 10.29
N ALA A 9 -0.35 2.20 9.39
CA ALA A 9 -1.43 2.89 8.71
C ALA A 9 -2.34 1.89 7.98
N PHE A 10 -1.73 0.96 7.26
CA PHE A 10 -2.49 -0.04 6.52
C PHE A 10 -3.37 -0.84 7.46
N GLU A 11 -2.80 -1.28 8.58
CA GLU A 11 -3.56 -2.06 9.56
C GLU A 11 -4.75 -1.27 10.05
N SER A 12 -4.53 0.00 10.40
CA SER A 12 -5.61 0.85 10.89
C SER A 12 -6.72 0.93 9.85
N LEU A 13 -6.34 1.16 8.60
CA LEU A 13 -7.32 1.25 7.52
C LEU A 13 -8.14 -0.03 7.42
N LYS A 14 -7.46 -1.17 7.45
CA LYS A 14 -8.13 -2.46 7.38
C LYS A 14 -9.15 -2.60 8.50
N SER A 15 -8.72 -2.26 9.72
CA SER A 15 -9.61 -2.36 10.88
C SER A 15 -10.85 -1.50 10.65
N PHE A 16 -10.63 -0.26 10.20
CA PHE A 16 -11.74 0.65 9.94
C PHE A 16 -12.71 0.04 8.94
N GLN A 17 -12.17 -0.50 7.85
CA GLN A 17 -12.99 -1.11 6.81
C GLN A 17 -13.84 -2.24 7.40
N ALA B 1 -11.75 -3.69 -0.13
CA ALA B 1 -11.56 -2.42 0.62
C ALA B 1 -11.72 -1.24 -0.34
N THR B 2 -12.28 -0.14 0.17
CA THR B 2 -12.48 1.04 -0.65
C THR B 2 -11.16 1.51 -1.27
N LEU B 3 -11.04 1.34 -2.58
CA LEU B 3 -9.83 1.75 -3.28
C LEU B 3 -9.55 3.24 -3.06
N GLU B 4 -10.58 4.06 -3.22
CA GLU B 4 -10.44 5.49 -3.03
C GLU B 4 -9.93 5.81 -1.63
N LYS B 5 -10.54 5.17 -0.63
CA LYS B 5 -10.13 5.39 0.76
C LYS B 5 -8.66 5.06 0.94
N LEU B 6 -8.25 3.91 0.42
CA LEU B 6 -6.85 3.48 0.53
C LEU B 6 -5.93 4.52 -0.07
N MET B 7 -6.26 4.99 -1.27
CA MET B 7 -5.45 5.99 -1.94
C MET B 7 -5.31 7.24 -1.08
N LYS B 8 -6.43 7.71 -0.55
CA LYS B 8 -6.42 8.89 0.31
C LYS B 8 -5.48 8.70 1.49
N ALA B 9 -5.61 7.55 2.15
CA ALA B 9 -4.76 7.26 3.30
C ALA B 9 -3.28 7.32 2.92
N PHE B 10 -2.94 6.68 1.80
CA PHE B 10 -1.56 6.67 1.33
C PHE B 10 -1.05 8.09 1.12
N GLU B 11 -1.86 8.91 0.46
CA GLU B 11 -1.47 10.29 0.20
C GLU B 11 -1.21 11.03 1.50
N SER B 12 -2.11 10.87 2.47
CA SER B 12 -1.95 11.53 3.76
C SER B 12 -0.62 11.10 4.40
N LEU B 13 -0.35 9.80 4.38
CA LEU B 13 0.88 9.29 4.96
C LEU B 13 2.10 9.93 4.29
N LYS B 14 2.08 9.97 2.97
CA LYS B 14 3.19 10.56 2.22
C LYS B 14 3.40 12.01 2.64
N SER B 15 2.31 12.77 2.72
CA SER B 15 2.40 14.17 3.11
C SER B 15 3.05 14.28 4.49
N PHE B 16 2.57 13.46 5.42
CA PHE B 16 3.12 13.47 6.78
C PHE B 16 4.62 13.21 6.76
N GLN B 17 5.03 12.19 6.00
CA GLN B 17 6.44 11.84 5.90
C GLN B 17 7.25 13.03 5.38
N ALA C 1 3.49 -9.50 7.01
CA ALA C 1 4.05 -9.58 5.63
C ALA C 1 5.40 -8.86 5.61
N THR C 2 6.32 -9.38 4.79
CA THR C 2 7.64 -8.77 4.68
C THR C 2 7.54 -7.30 4.29
N LEU C 3 7.86 -6.42 5.23
CA LEU C 3 7.80 -4.98 4.97
C LEU C 3 8.69 -4.61 3.78
N GLU C 4 9.92 -5.13 3.77
CA GLU C 4 10.84 -4.85 2.69
C GLU C 4 10.26 -5.28 1.35
N LYS C 5 9.71 -6.49 1.32
CA LYS C 5 9.12 -7.01 0.09
C LYS C 5 8.01 -6.09 -0.40
N LEU C 6 7.14 -5.68 0.50
CA LEU C 6 6.04 -4.79 0.15
C LEU C 6 6.57 -3.50 -0.46
N MET C 7 7.56 -2.91 0.19
CA MET C 7 8.15 -1.68 -0.30
C MET C 7 8.68 -1.85 -1.73
N LYS C 8 9.42 -2.94 -1.94
CA LYS C 8 9.97 -3.23 -3.26
C LYS C 8 8.86 -3.30 -4.30
N ALA C 9 7.80 -4.04 -3.98
CA ALA C 9 6.69 -4.19 -4.90
C ALA C 9 6.09 -2.82 -5.26
N PHE C 10 5.88 -1.99 -4.25
CA PHE C 10 5.32 -0.66 -4.46
C PHE C 10 6.20 0.13 -5.41
N GLU C 11 7.51 0.11 -5.17
CA GLU C 11 8.45 0.84 -6.01
C GLU C 11 8.35 0.37 -7.45
N SER C 12 8.32 -0.94 -7.65
CA SER C 12 8.23 -1.50 -9.00
C SER C 12 6.96 -0.99 -9.68
N LEU C 13 5.85 -1.03 -8.96
CA LEU C 13 4.57 -0.57 -9.51
C LEU C 13 4.67 0.89 -9.94
N LYS C 14 5.23 1.72 -9.06
CA LYS C 14 5.40 3.14 -9.36
C LYS C 14 6.20 3.33 -10.64
N SER C 15 7.32 2.61 -10.74
CA SER C 15 8.17 2.71 -11.92
C SER C 15 7.37 2.36 -13.17
N PHE C 16 6.64 1.25 -13.10
CA PHE C 16 5.83 0.82 -14.23
C PHE C 16 4.85 1.91 -14.64
N GLN C 17 4.16 2.48 -13.65
CA GLN C 17 3.19 3.54 -13.92
C GLN C 17 3.86 4.71 -14.64
N ALA D 1 -2.02 7.10 -9.85
CA ALA D 1 -1.68 5.70 -10.23
C ALA D 1 -2.97 4.88 -10.31
N THR D 2 -2.99 3.92 -11.24
CA THR D 2 -4.17 3.08 -11.42
C THR D 2 -4.53 2.38 -10.11
N LEU D 3 -5.65 2.79 -9.52
CA LEU D 3 -6.10 2.20 -8.27
C LEU D 3 -6.29 0.69 -8.42
N GLU D 4 -6.96 0.29 -9.50
CA GLU D 4 -7.20 -1.12 -9.76
C GLU D 4 -5.89 -1.89 -9.84
N LYS D 5 -4.93 -1.34 -10.59
CA LYS D 5 -3.63 -1.98 -10.74
C LYS D 5 -2.97 -2.17 -9.38
N LEU D 6 -2.98 -1.12 -8.56
CA LEU D 6 -2.38 -1.19 -7.23
C LEU D 6 -3.02 -2.31 -6.42
N MET D 7 -4.34 -2.36 -6.43
CA MET D 7 -5.06 -3.38 -5.68
C MET D 7 -4.63 -4.77 -6.12
N LYS D 8 -4.58 -4.98 -7.44
CA LYS D 8 -4.17 -6.27 -7.98
C LYS D 8 -2.78 -6.65 -7.48
N ALA D 9 -1.85 -5.70 -7.56
CA ALA D 9 -0.49 -5.96 -7.11
C ALA D 9 -0.47 -6.39 -5.64
N PHE D 10 -1.21 -5.66 -4.81
CA PHE D 10 -1.27 -5.97 -3.38
C PHE D 10 -1.77 -7.39 -3.17
N GLU D 11 -2.84 -7.75 -3.87
CA GLU D 11 -3.42 -9.08 -3.75
C GLU D 11 -2.38 -10.14 -4.11
N SER D 12 -1.69 -9.93 -5.22
CA SER D 12 -0.67 -10.88 -5.66
C SER D 12 0.39 -11.05 -4.57
N LEU D 13 0.85 -9.93 -4.02
CA LEU D 13 1.87 -9.97 -2.97
C LEU D 13 1.37 -10.79 -1.78
N LYS D 14 0.14 -10.52 -1.36
CA LYS D 14 -0.45 -11.24 -0.23
C LYS D 14 -0.45 -12.74 -0.50
N SER D 15 -0.91 -13.12 -1.70
CA SER D 15 -0.96 -14.53 -2.07
C SER D 15 0.43 -15.15 -1.97
N PHE D 16 1.42 -14.45 -2.53
CA PHE D 16 2.80 -14.94 -2.49
C PHE D 16 3.25 -15.16 -1.05
N GLN D 17 2.98 -14.18 -0.19
CA GLN D 17 3.36 -14.27 1.21
C GLN D 17 2.73 -15.51 1.86
N ALA A 1 10.42 6.38 3.53
CA ALA A 1 9.35 6.46 4.55
C ALA A 1 9.48 5.29 5.53
N THR A 2 9.15 5.54 6.78
CA THR A 2 9.24 4.50 7.80
C THR A 2 8.36 3.30 7.42
N LEU A 3 9.01 2.17 7.15
CA LEU A 3 8.28 0.96 6.77
C LEU A 3 7.29 0.58 7.86
N GLU A 4 7.75 0.58 9.11
CA GLU A 4 6.89 0.23 10.23
C GLU A 4 5.67 1.14 10.28
N LYS A 5 5.91 2.44 10.14
CA LYS A 5 4.82 3.41 10.18
C LYS A 5 3.79 3.11 9.09
N LEU A 6 4.28 2.86 7.88
CA LEU A 6 3.40 2.55 6.76
C LEU A 6 2.54 1.33 7.08
N MET A 7 3.17 0.28 7.58
CA MET A 7 2.46 -0.94 7.92
C MET A 7 1.35 -0.64 8.93
N LYS A 8 1.69 0.11 9.97
CA LYS A 8 0.71 0.46 11.00
C LYS A 8 -0.49 1.18 10.39
N ALA A 9 -0.20 2.17 9.53
CA ALA A 9 -1.25 2.93 8.88
C ALA A 9 -2.18 2.01 8.09
N PHE A 10 -1.58 1.11 7.31
CA PHE A 10 -2.35 0.17 6.51
C PHE A 10 -3.28 -0.67 7.40
N GLU A 11 -2.72 -1.18 8.49
CA GLU A 11 -3.51 -2.00 9.41
C GLU A 11 -4.70 -1.21 9.94
N SER A 12 -4.45 0.03 10.36
CA SER A 12 -5.51 0.88 10.89
C SER A 12 -6.61 1.04 9.84
N LEU A 13 -6.20 1.34 8.61
CA LEU A 13 -7.17 1.53 7.52
C LEU A 13 -8.01 0.27 7.35
N LYS A 14 -7.36 -0.89 7.32
CA LYS A 14 -8.07 -2.15 7.16
C LYS A 14 -9.11 -2.33 8.26
N SER A 15 -8.69 -2.08 9.50
CA SER A 15 -9.59 -2.21 10.64
C SER A 15 -10.81 -1.32 10.45
N PHE A 16 -10.55 -0.06 10.07
CA PHE A 16 -11.64 0.89 9.85
C PHE A 16 -12.61 0.37 8.80
N GLN A 17 -12.07 -0.12 7.69
CA GLN A 17 -12.89 -0.64 6.61
C GLN A 17 -13.77 -1.78 7.12
N ALA B 1 -12.27 -3.36 0.05
CA ALA B 1 -12.05 -2.03 0.69
C ALA B 1 -12.14 -0.93 -0.37
N THR B 2 -12.66 0.22 0.03
CA THR B 2 -12.80 1.34 -0.89
C THR B 2 -11.43 1.73 -1.47
N LEU B 3 -11.27 1.53 -2.77
CA LEU B 3 -10.00 1.87 -3.43
C LEU B 3 -9.68 3.34 -3.23
N GLU B 4 -10.67 4.20 -3.45
CA GLU B 4 -10.46 5.63 -3.29
C GLU B 4 -10.01 5.96 -1.88
N LYS B 5 -10.68 5.38 -0.89
CA LYS B 5 -10.33 5.61 0.51
C LYS B 5 -8.88 5.22 0.77
N LEU B 6 -8.50 4.04 0.29
CA LEU B 6 -7.13 3.56 0.48
C LEU B 6 -6.13 4.55 -0.11
N MET B 7 -6.39 5.00 -1.33
CA MET B 7 -5.52 5.94 -2.00
C MET B 7 -5.36 7.21 -1.15
N LYS B 8 -6.48 7.74 -0.68
CA LYS B 8 -6.45 8.94 0.13
C LYS B 8 -5.58 8.75 1.37
N ALA B 9 -5.78 7.62 2.05
CA ALA B 9 -5.00 7.31 3.24
C ALA B 9 -3.51 7.30 2.93
N PHE B 10 -3.14 6.62 1.84
CA PHE B 10 -1.75 6.54 1.44
C PHE B 10 -1.17 7.94 1.22
N GLU B 11 -1.91 8.77 0.50
CA GLU B 11 -1.46 10.14 0.22
C GLU B 11 -1.21 10.88 1.52
N SER B 12 -2.16 10.79 2.45
CA SER B 12 -2.03 11.48 3.74
C SER B 12 -0.75 11.01 4.44
N LEU B 13 -0.54 9.70 4.47
CA LEU B 13 0.65 9.15 5.12
C LEU B 13 1.91 9.72 4.48
N LYS B 14 1.95 9.74 3.15
CA LYS B 14 3.12 10.26 2.44
C LYS B 14 3.38 11.71 2.84
N SER B 15 2.32 12.51 2.85
CA SER B 15 2.44 13.92 3.22
C SER B 15 3.04 14.04 4.62
N PHE B 16 2.49 13.26 5.55
CA PHE B 16 2.98 13.28 6.92
C PHE B 16 4.47 12.96 6.98
N GLN B 17 4.87 11.91 6.27
CA GLN B 17 6.26 11.49 6.24
C GLN B 17 7.14 12.63 5.73
N ALA C 1 3.94 -9.94 6.88
CA ALA C 1 4.57 -9.92 5.54
C ALA C 1 5.86 -9.10 5.60
N THR C 2 6.85 -9.50 4.82
CA THR C 2 8.13 -8.80 4.79
C THR C 2 7.93 -7.34 4.39
N LEU C 3 8.20 -6.43 5.33
CA LEU C 3 8.04 -5.00 5.07
C LEU C 3 8.90 -4.59 3.88
N GLU C 4 10.15 -5.02 3.88
CA GLU C 4 11.06 -4.68 2.79
C GLU C 4 10.51 -5.15 1.46
N LYS C 5 10.04 -6.39 1.42
CA LYS C 5 9.49 -6.96 0.20
C LYS C 5 8.32 -6.11 -0.31
N LEU C 6 7.42 -5.76 0.61
CA LEU C 6 6.26 -4.95 0.25
C LEU C 6 6.71 -3.63 -0.37
N MET C 7 7.66 -2.97 0.27
CA MET C 7 8.17 -1.70 -0.22
C MET C 7 8.71 -1.86 -1.64
N LYS C 8 9.52 -2.89 -1.85
CA LYS C 8 10.09 -3.13 -3.17
C LYS C 8 9.00 -3.29 -4.22
N ALA C 9 7.98 -4.10 -3.89
CA ALA C 9 6.88 -4.32 -4.80
C ALA C 9 6.20 -3.00 -5.17
N PHE C 10 5.92 -2.18 -4.16
CA PHE C 10 5.28 -0.90 -4.38
C PHE C 10 6.12 -0.04 -5.34
N GLU C 11 7.42 0.02 -5.08
CA GLU C 11 8.31 0.80 -5.93
C GLU C 11 8.23 0.33 -7.37
N SER C 12 8.30 -0.98 -7.57
CA SER C 12 8.24 -1.55 -8.91
C SER C 12 6.95 -1.12 -9.59
N LEU C 13 5.83 -1.25 -8.88
CA LEU C 13 4.53 -0.87 -9.43
C LEU C 13 4.55 0.59 -9.86
N LYS C 14 5.06 1.46 -8.99
CA LYS C 14 5.11 2.89 -9.30
C LYS C 14 5.91 3.12 -10.58
N SER C 15 7.07 2.48 -10.67
CA SER C 15 7.92 2.63 -11.85
C SER C 15 7.15 2.22 -13.10
N PHE C 16 6.48 1.07 -13.03
CA PHE C 16 5.70 0.59 -14.16
C PHE C 16 4.65 1.61 -14.58
N GLN C 17 3.93 2.14 -13.59
CA GLN C 17 2.89 3.12 -13.86
C GLN C 17 3.48 4.33 -14.58
N ALA D 1 -2.09 6.92 -10.46
CA ALA D 1 -1.87 5.48 -10.79
C ALA D 1 -3.20 4.74 -10.76
N THR D 2 -3.33 3.75 -11.63
CA THR D 2 -4.56 2.97 -11.70
C THR D 2 -4.85 2.30 -10.34
N LEU D 3 -5.94 2.73 -9.71
CA LEU D 3 -6.32 2.18 -8.41
C LEU D 3 -6.51 0.67 -8.51
N GLU D 4 -7.24 0.24 -9.53
CA GLU D 4 -7.48 -1.18 -9.73
C GLU D 4 -6.18 -1.95 -9.86
N LYS D 5 -5.27 -1.42 -10.68
CA LYS D 5 -3.98 -2.07 -10.89
C LYS D 5 -3.23 -2.22 -9.56
N LEU D 6 -3.21 -1.14 -8.78
CA LEU D 6 -2.53 -1.16 -7.49
C LEU D 6 -3.12 -2.26 -6.60
N MET D 7 -4.44 -2.31 -6.53
CA MET D 7 -5.11 -3.31 -5.71
C MET D 7 -4.70 -4.71 -6.14
N LYS D 8 -4.72 -4.96 -7.45
CA LYS D 8 -4.35 -6.27 -7.97
C LYS D 8 -2.93 -6.64 -7.54
N ALA D 9 -2.00 -5.69 -7.70
CA ALA D 9 -0.62 -5.92 -7.32
C ALA D 9 -0.51 -6.30 -5.84
N PHE D 10 -1.20 -5.55 -4.99
CA PHE D 10 -1.18 -5.82 -3.56
C PHE D 10 -1.67 -7.24 -3.28
N GLU D 11 -2.78 -7.61 -3.90
CA GLU D 11 -3.34 -8.94 -3.71
C GLU D 11 -2.32 -10.01 -4.09
N SER D 12 -1.69 -9.84 -5.24
CA SER D 12 -0.70 -10.80 -5.72
C SER D 12 0.42 -10.93 -4.68
N LEU D 13 0.91 -9.79 -4.20
CA LEU D 13 1.99 -9.80 -3.20
C LEU D 13 1.55 -10.58 -1.97
N LYS D 14 0.35 -10.31 -1.49
CA LYS D 14 -0.16 -10.99 -0.30
C LYS D 14 -0.18 -12.50 -0.52
N SER D 15 -0.70 -12.92 -1.68
CA SER D 15 -0.77 -14.33 -2.01
C SER D 15 0.62 -14.95 -1.96
N PHE D 16 1.58 -14.27 -2.60
CA PHE D 16 2.95 -14.75 -2.62
C PHE D 16 3.49 -14.93 -1.20
N GLN D 17 3.27 -13.93 -0.37
CA GLN D 17 3.74 -13.97 1.01
C GLN D 17 3.15 -15.18 1.73
N ALA A 1 10.43 7.58 6.11
CA ALA A 1 9.44 6.66 5.47
C ALA A 1 8.90 5.69 6.51
N THR A 2 9.77 5.20 7.38
CA THR A 2 9.37 4.26 8.42
C THR A 2 8.49 3.16 7.84
N LEU A 3 9.12 2.08 7.39
CA LEU A 3 8.38 0.96 6.82
C LEU A 3 7.35 0.43 7.81
N GLU A 4 7.79 0.22 9.05
CA GLU A 4 6.89 -0.29 10.09
C GLU A 4 5.69 0.63 10.27
N LYS A 5 5.96 1.93 10.35
CA LYS A 5 4.88 2.91 10.51
C LYS A 5 3.88 2.80 9.38
N LEU A 6 4.39 2.74 8.15
CA LEU A 6 3.52 2.64 6.98
C LEU A 6 2.63 1.41 7.08
N MET A 7 3.24 0.27 7.42
CA MET A 7 2.49 -0.98 7.56
C MET A 7 1.37 -0.82 8.57
N LYS A 8 1.70 -0.25 9.72
CA LYS A 8 0.70 -0.05 10.78
C LYS A 8 -0.46 0.78 10.26
N ALA A 9 -0.15 1.88 9.59
CA ALA A 9 -1.17 2.76 9.05
C ALA A 9 -2.09 1.99 8.10
N PHE A 10 -1.49 1.22 7.21
CA PHE A 10 -2.26 0.44 6.24
C PHE A 10 -3.21 -0.51 6.97
N GLU A 11 -2.70 -1.21 7.97
CA GLU A 11 -3.52 -2.14 8.74
C GLU A 11 -4.71 -1.42 9.37
N SER A 12 -4.44 -0.28 9.99
CA SER A 12 -5.50 0.50 10.63
C SER A 12 -6.57 0.85 9.59
N LEU A 13 -6.13 1.33 8.43
CA LEU A 13 -7.07 1.71 7.37
C LEU A 13 -7.94 0.52 6.99
N LYS A 14 -7.30 -0.63 6.78
CA LYS A 14 -8.03 -1.84 6.40
C LYS A 14 -9.09 -2.17 7.46
N SER A 15 -8.70 -2.13 8.72
CA SER A 15 -9.62 -2.43 9.81
C SER A 15 -10.83 -1.49 9.74
N PHE A 16 -10.55 -0.20 9.57
CA PHE A 16 -11.60 0.80 9.49
C PHE A 16 -12.55 0.47 8.35
N GLN A 17 -11.99 0.16 7.20
CA GLN A 17 -12.81 -0.17 6.03
C GLN A 17 -13.72 -1.36 6.34
N ALA B 1 -14.14 -1.49 1.10
CA ALA B 1 -12.68 -1.35 0.82
C ALA B 1 -12.40 0.05 0.29
N THR B 2 -13.28 0.54 -0.58
CA THR B 2 -13.12 1.87 -1.16
C THR B 2 -11.68 2.07 -1.64
N LEU B 3 -11.43 1.71 -2.90
CA LEU B 3 -10.10 1.86 -3.48
C LEU B 3 -9.64 3.31 -3.38
N GLU B 4 -10.51 4.24 -3.78
CA GLU B 4 -10.17 5.65 -3.73
C GLU B 4 -9.79 6.08 -2.32
N LYS B 5 -10.60 5.67 -1.35
CA LYS B 5 -10.33 6.01 0.05
C LYS B 5 -8.96 5.51 0.46
N LEU B 6 -8.67 4.26 0.14
CA LEU B 6 -7.37 3.67 0.49
C LEU B 6 -6.23 4.49 -0.10
N MET B 7 -6.36 4.83 -1.38
CA MET B 7 -5.33 5.62 -2.05
C MET B 7 -5.11 6.94 -1.32
N LYS B 8 -6.20 7.62 -1.00
CA LYS B 8 -6.11 8.90 -0.30
C LYS B 8 -5.36 8.74 1.01
N ALA B 9 -5.72 7.72 1.78
CA ALA B 9 -5.08 7.47 3.06
C ALA B 9 -3.58 7.28 2.87
N PHE B 10 -3.20 6.47 1.89
CA PHE B 10 -1.79 6.20 1.62
C PHE B 10 -1.06 7.51 1.31
N GLU B 11 -1.65 8.33 0.46
CA GLU B 11 -1.04 9.61 0.10
C GLU B 11 -0.81 10.46 1.34
N SER B 12 -1.84 10.55 2.18
CA SER B 12 -1.74 11.35 3.40
C SER B 12 -0.57 10.84 4.25
N LEU B 13 -0.50 9.52 4.42
CA LEU B 13 0.57 8.92 5.22
C LEU B 13 1.93 9.31 4.66
N LYS B 14 2.08 9.18 3.34
CA LYS B 14 3.34 9.51 2.68
C LYS B 14 3.72 10.97 2.96
N SER B 15 2.75 11.87 2.81
CA SER B 15 2.99 13.29 3.04
C SER B 15 3.49 13.49 4.48
N PHE B 16 2.81 12.87 5.43
CA PHE B 16 3.19 12.99 6.83
C PHE B 16 4.62 12.52 7.03
N GLN B 17 4.95 11.38 6.46
CA GLN B 17 6.30 10.83 6.60
C GLN B 17 7.33 11.83 6.06
N ALA C 1 5.93 -11.63 5.75
CA ALA C 1 5.37 -10.33 5.27
C ALA C 1 6.48 -9.50 4.64
N THR C 2 7.66 -9.52 5.26
CA THR C 2 8.80 -8.77 4.76
C THR C 2 8.38 -7.35 4.39
N LEU C 3 8.47 -6.44 5.36
CA LEU C 3 8.11 -5.05 5.14
C LEU C 3 8.92 -4.46 3.98
N GLU C 4 10.23 -4.69 4.01
CA GLU C 4 11.10 -4.17 2.96
C GLU C 4 10.66 -4.69 1.59
N LYS C 5 10.40 -5.99 1.51
CA LYS C 5 9.97 -6.59 0.25
C LYS C 5 8.70 -5.92 -0.25
N LEU C 6 7.73 -5.75 0.64
CA LEU C 6 6.47 -5.11 0.27
C LEU C 6 6.71 -3.72 -0.30
N MET C 7 7.54 -2.94 0.39
CA MET C 7 7.86 -1.59 -0.05
C MET C 7 8.44 -1.61 -1.46
N LYS C 8 9.40 -2.50 -1.67
CA LYS C 8 10.05 -2.61 -2.98
C LYS C 8 9.01 -2.90 -4.06
N ALA C 9 8.14 -3.86 -3.79
CA ALA C 9 7.11 -4.23 -4.75
C ALA C 9 6.24 -3.02 -5.09
N PHE C 10 5.81 -2.29 -4.07
CA PHE C 10 4.98 -1.11 -4.27
C PHE C 10 5.69 -0.11 -5.17
N GLU C 11 6.96 0.15 -4.88
CA GLU C 11 7.74 1.09 -5.68
C GLU C 11 7.78 0.66 -7.14
N SER C 12 8.06 -0.62 -7.36
CA SER C 12 8.12 -1.15 -8.72
C SER C 12 6.79 -0.91 -9.43
N LEU C 13 5.69 -1.22 -8.75
CA LEU C 13 4.36 -1.04 -9.33
C LEU C 13 4.16 0.41 -9.73
N LYS C 14 4.50 1.32 -8.82
CA LYS C 14 4.34 2.76 -9.08
C LYS C 14 5.13 3.16 -10.33
N SER C 15 6.37 2.70 -10.41
CA SER C 15 7.22 3.03 -11.55
C SER C 15 6.55 2.55 -12.84
N PHE C 16 6.07 1.31 -12.82
CA PHE C 16 5.41 0.74 -13.99
C PHE C 16 4.22 1.60 -14.39
N GLN C 17 3.41 1.97 -13.42
CA GLN C 17 2.23 2.79 -13.70
C GLN C 17 2.64 4.10 -14.37
N ALA D 1 -2.21 5.54 -12.96
CA ALA D 1 -2.13 5.02 -11.55
C ALA D 1 -2.98 3.76 -11.44
N THR D 2 -4.15 3.78 -12.06
CA THR D 2 -5.05 2.63 -12.02
C THR D 2 -5.19 2.11 -10.59
N LEU D 3 -6.16 2.65 -9.86
CA LEU D 3 -6.38 2.23 -8.48
C LEU D 3 -6.63 0.72 -8.42
N GLU D 4 -7.51 0.23 -9.29
CA GLU D 4 -7.82 -1.19 -9.32
C GLU D 4 -6.56 -2.02 -9.54
N LYS D 5 -5.76 -1.61 -10.51
CA LYS D 5 -4.52 -2.33 -10.82
C LYS D 5 -3.63 -2.39 -9.59
N LEU D 6 -3.46 -1.25 -8.93
CA LEU D 6 -2.62 -1.19 -7.73
C LEU D 6 -3.11 -2.17 -6.68
N MET D 7 -4.42 -2.16 -6.44
CA MET D 7 -5.02 -3.06 -5.45
C MET D 7 -4.70 -4.51 -5.79
N LYS D 8 -4.90 -4.87 -7.05
CA LYS D 8 -4.64 -6.24 -7.50
C LYS D 8 -3.20 -6.62 -7.22
N ALA D 9 -2.27 -5.74 -7.58
CA ALA D 9 -0.86 -6.00 -7.37
C ALA D 9 -0.58 -6.25 -5.88
N PHE D 10 -1.12 -5.39 -5.03
CA PHE D 10 -0.92 -5.53 -3.59
C PHE D 10 -1.42 -6.89 -3.11
N GLU D 11 -2.62 -7.27 -3.55
CA GLU D 11 -3.18 -8.56 -3.16
C GLU D 11 -2.26 -9.70 -3.56
N SER D 12 -1.78 -9.66 -4.80
CA SER D 12 -0.89 -10.70 -5.31
C SER D 12 0.35 -10.79 -4.41
N LEU D 13 0.93 -9.63 -4.10
CA LEU D 13 2.13 -9.60 -3.26
C LEU D 13 1.85 -10.25 -1.91
N LYS D 14 0.73 -9.87 -1.30
CA LYS D 14 0.35 -10.43 0.00
C LYS D 14 0.24 -11.96 -0.09
N SER D 15 -0.43 -12.44 -1.12
CA SER D 15 -0.59 -13.88 -1.30
C SER D 15 0.78 -14.55 -1.37
N PHE D 16 1.67 -13.98 -2.18
CA PHE D 16 3.01 -14.52 -2.33
C PHE D 16 3.71 -14.59 -0.99
N GLN D 17 3.64 -13.50 -0.24
CA GLN D 17 4.28 -13.46 1.08
C GLN D 17 3.75 -14.57 1.97
N ALA A 1 10.65 7.70 3.76
CA ALA A 1 9.46 7.19 4.48
C ALA A 1 9.84 5.90 5.21
N THR A 2 9.59 5.87 6.51
CA THR A 2 9.90 4.69 7.32
C THR A 2 9.02 3.52 6.91
N LEU A 3 9.66 2.41 6.55
CA LEU A 3 8.91 1.22 6.14
C LEU A 3 7.97 0.76 7.27
N GLU A 4 8.51 0.70 8.48
CA GLU A 4 7.72 0.28 9.63
C GLU A 4 6.49 1.18 9.79
N LYS A 5 6.71 2.49 9.73
CA LYS A 5 5.63 3.45 9.88
C LYS A 5 4.55 3.20 8.83
N LEU A 6 4.97 3.02 7.58
CA LEU A 6 4.02 2.78 6.50
C LEU A 6 3.18 1.54 6.79
N MET A 7 3.85 0.46 7.20
CA MET A 7 3.16 -0.78 7.51
C MET A 7 2.11 -0.55 8.59
N LYS A 8 2.50 0.14 9.66
CA LYS A 8 1.58 0.42 10.74
C LYS A 8 0.36 1.17 10.24
N ALA A 9 0.59 2.19 9.44
CA ALA A 9 -0.51 2.99 8.89
C ALA A 9 -1.47 2.09 8.10
N PHE A 10 -0.91 1.25 7.24
CA PHE A 10 -1.72 0.36 6.42
C PHE A 10 -2.59 -0.53 7.32
N GLU A 11 -1.98 -1.11 8.34
CA GLU A 11 -2.70 -1.98 9.27
C GLU A 11 -3.87 -1.24 9.89
N SER A 12 -3.60 -0.02 10.37
CA SER A 12 -4.64 0.79 11.01
C SER A 12 -5.79 1.01 10.03
N LEU A 13 -5.46 1.38 8.80
CA LEU A 13 -6.47 1.61 7.78
C LEU A 13 -7.33 0.37 7.58
N LYS A 14 -6.67 -0.79 7.45
CA LYS A 14 -7.38 -2.04 7.26
C LYS A 14 -8.36 -2.30 8.41
N SER A 15 -7.87 -2.11 9.62
CA SER A 15 -8.70 -2.32 10.80
C SER A 15 -9.94 -1.42 10.73
N PHE A 16 -9.71 -0.14 10.42
CA PHE A 16 -10.81 0.81 10.31
C PHE A 16 -11.83 0.34 9.28
N GLN A 17 -11.35 -0.07 8.12
CA GLN A 17 -12.23 -0.54 7.06
C GLN A 17 -13.08 -1.72 7.55
N ALA B 1 -13.14 -3.63 1.06
CA ALA B 1 -12.42 -2.35 1.25
C ALA B 1 -12.50 -1.53 -0.04
N THR B 2 -12.99 -0.30 0.08
CA THR B 2 -13.12 0.58 -1.08
C THR B 2 -11.74 0.95 -1.63
N LEU B 3 -11.53 0.67 -2.91
CA LEU B 3 -10.25 0.98 -3.54
C LEU B 3 -9.95 2.48 -3.43
N GLU B 4 -10.95 3.30 -3.75
CA GLU B 4 -10.78 4.74 -3.68
C GLU B 4 -10.37 5.17 -2.27
N LYS B 5 -11.08 4.65 -1.27
CA LYS B 5 -10.78 4.99 0.11
C LYS B 5 -9.33 4.64 0.45
N LEU B 6 -8.92 3.44 0.07
CA LEU B 6 -7.55 3.00 0.34
C LEU B 6 -6.54 3.96 -0.28
N MET B 7 -6.77 4.32 -1.54
CA MET B 7 -5.88 5.24 -2.24
C MET B 7 -5.77 6.56 -1.48
N LYS B 8 -6.92 7.10 -1.08
CA LYS B 8 -6.94 8.36 -0.35
C LYS B 8 -6.11 8.26 0.92
N ALA B 9 -6.31 7.18 1.66
CA ALA B 9 -5.58 6.97 2.91
C ALA B 9 -4.07 6.97 2.64
N PHE B 10 -3.66 6.23 1.62
CA PHE B 10 -2.25 6.14 1.27
C PHE B 10 -1.69 7.53 0.97
N GLU B 11 -2.42 8.30 0.17
CA GLU B 11 -1.98 9.65 -0.18
C GLU B 11 -1.78 10.49 1.07
N SER B 12 -2.76 10.45 1.96
CA SER B 12 -2.69 11.21 3.21
C SER B 12 -1.44 10.83 3.99
N LEU B 13 -1.20 9.53 4.11
CA LEU B 13 -0.03 9.04 4.83
C LEU B 13 1.25 9.59 4.21
N LYS B 14 1.34 9.51 2.88
CA LYS B 14 2.51 10.01 2.18
C LYS B 14 2.74 11.49 2.48
N SER B 15 1.67 12.27 2.40
CA SER B 15 1.75 13.70 2.67
C SER B 15 2.30 13.93 4.08
N PHE B 16 1.73 13.21 5.05
CA PHE B 16 2.18 13.33 6.44
C PHE B 16 3.66 13.04 6.55
N GLN B 17 4.10 11.94 5.94
CA GLN B 17 5.50 11.56 5.99
C GLN B 17 6.39 12.68 5.43
N ALA C 1 3.79 -11.29 6.72
CA ALA C 1 4.31 -10.60 5.51
C ALA C 1 5.48 -9.70 5.89
N THR C 2 6.61 -9.89 5.23
CA THR C 2 7.80 -9.08 5.51
C THR C 2 7.56 -7.63 5.11
N LEU C 3 7.74 -6.72 6.07
CA LEU C 3 7.55 -5.30 5.79
C LEU C 3 8.47 -4.84 4.66
N GLU C 4 9.74 -5.23 4.75
CA GLU C 4 10.71 -4.85 3.74
C GLU C 4 10.27 -5.34 2.36
N LYS C 5 9.85 -6.60 2.29
CA LYS C 5 9.41 -7.18 1.03
C LYS C 5 8.25 -6.37 0.45
N LEU C 6 7.28 -6.06 1.30
CA LEU C 6 6.11 -5.29 0.85
C LEU C 6 6.55 -3.95 0.27
N MET C 7 7.43 -3.26 0.98
CA MET C 7 7.93 -1.97 0.53
C MET C 7 8.57 -2.09 -0.85
N LYS C 8 9.43 -3.10 -1.00
CA LYS C 8 10.10 -3.31 -2.28
C LYS C 8 9.08 -3.51 -3.39
N ALA C 9 8.09 -4.34 -3.15
CA ALA C 9 7.05 -4.62 -4.14
C ALA C 9 6.36 -3.31 -4.55
N PHE C 10 5.99 -2.51 -3.55
CA PHE C 10 5.31 -1.25 -3.82
C PHE C 10 6.18 -0.36 -4.71
N GLU C 11 7.45 -0.25 -4.37
CA GLU C 11 8.38 0.57 -5.15
C GLU C 11 8.42 0.11 -6.60
N SER C 12 8.55 -1.20 -6.78
CA SER C 12 8.60 -1.77 -8.13
C SER C 12 7.34 -1.40 -8.91
N LEU C 13 6.19 -1.56 -8.27
CA LEU C 13 4.92 -1.23 -8.90
C LEU C 13 4.90 0.24 -9.33
N LYS C 14 5.32 1.12 -8.43
CA LYS C 14 5.35 2.54 -8.73
C LYS C 14 6.22 2.82 -9.95
N SER C 15 7.40 2.23 -9.96
CA SER C 15 8.33 2.41 -11.07
C SER C 15 7.66 1.98 -12.38
N PHE C 16 7.04 0.80 -12.36
CA PHE C 16 6.36 0.29 -13.54
C PHE C 16 5.30 1.28 -14.02
N GLN C 17 4.49 1.77 -13.09
CA GLN C 17 3.44 2.72 -13.44
C GLN C 17 4.03 3.96 -14.11
N ALA D 1 -1.31 7.22 -11.54
CA ALA D 1 -1.36 5.76 -11.23
C ALA D 1 -2.81 5.33 -11.07
N THR D 2 -3.21 4.31 -11.83
CA THR D 2 -4.58 3.81 -11.75
C THR D 2 -4.84 3.16 -10.40
N LEU D 3 -5.87 3.65 -9.71
CA LEU D 3 -6.20 3.10 -8.39
C LEU D 3 -6.49 1.60 -8.50
N GLU D 4 -7.30 1.23 -9.49
CA GLU D 4 -7.65 -0.17 -9.68
C GLU D 4 -6.39 -1.02 -9.88
N LYS D 5 -5.49 -0.54 -10.75
CA LYS D 5 -4.26 -1.26 -11.02
C LYS D 5 -3.46 -1.47 -9.73
N LEU D 6 -3.33 -0.40 -8.95
CA LEU D 6 -2.59 -0.49 -7.69
C LEU D 6 -3.19 -1.55 -6.78
N MET D 7 -4.51 -1.52 -6.64
CA MET D 7 -5.21 -2.49 -5.81
C MET D 7 -4.90 -3.91 -6.26
N LYS D 8 -5.01 -4.14 -7.57
CA LYS D 8 -4.74 -5.46 -8.11
C LYS D 8 -3.33 -5.92 -7.76
N ALA D 9 -2.36 -5.03 -7.96
CA ALA D 9 -0.97 -5.35 -7.66
C ALA D 9 -0.83 -5.76 -6.19
N PHE D 10 -1.42 -4.97 -5.30
CA PHE D 10 -1.34 -5.25 -3.87
C PHE D 10 -1.90 -6.64 -3.58
N GLU D 11 -3.06 -6.94 -4.15
CA GLU D 11 -3.70 -8.24 -3.94
C GLU D 11 -2.77 -9.37 -4.36
N SER D 12 -2.19 -9.22 -5.55
CA SER D 12 -1.27 -10.23 -6.08
C SER D 12 -0.11 -10.44 -5.11
N LEU D 13 0.47 -9.35 -4.64
CA LEU D 13 1.58 -9.42 -3.71
C LEU D 13 1.18 -10.19 -2.45
N LYS D 14 0.01 -9.85 -1.91
CA LYS D 14 -0.48 -10.51 -0.71
C LYS D 14 -0.61 -12.02 -0.94
N SER D 15 -1.20 -12.38 -2.06
CA SER D 15 -1.38 -13.79 -2.40
C SER D 15 -0.02 -14.49 -2.43
N PHE D 16 0.94 -13.87 -3.11
CA PHE D 16 2.28 -14.44 -3.20
C PHE D 16 2.87 -14.66 -1.82
N GLN D 17 2.76 -13.64 -0.97
CA GLN D 17 3.29 -13.74 0.39
C GLN D 17 2.66 -14.92 1.13
N ALA A 1 12.05 2.06 11.54
CA ALA A 1 12.36 2.99 10.42
C ALA A 1 11.05 3.50 9.82
N THR A 2 11.16 4.36 8.81
CA THR A 2 9.99 4.93 8.17
C THR A 2 9.15 3.82 7.54
N LEU A 3 9.82 2.82 6.99
CA LEU A 3 9.12 1.70 6.35
C LEU A 3 8.17 1.03 7.34
N GLU A 4 8.68 0.75 8.54
CA GLU A 4 7.87 0.11 9.57
C GLU A 4 6.62 0.94 9.86
N LYS A 5 6.81 2.24 10.04
CA LYS A 5 5.69 3.14 10.33
C LYS A 5 4.64 3.06 9.22
N LEU A 6 5.10 3.12 7.97
CA LEU A 6 4.18 3.05 6.84
C LEU A 6 3.38 1.76 6.87
N MET A 7 4.06 0.64 7.11
CA MET A 7 3.40 -0.64 7.17
C MET A 7 2.32 -0.65 8.24
N LYS A 8 2.66 -0.15 9.42
CA LYS A 8 1.71 -0.09 10.53
C LYS A 8 0.47 0.71 10.12
N ALA A 9 0.70 1.87 9.53
CA ALA A 9 -0.40 2.72 9.10
C ALA A 9 -1.32 1.98 8.13
N PHE A 10 -0.72 1.31 7.15
CA PHE A 10 -1.48 0.55 6.17
C PHE A 10 -2.35 -0.50 6.86
N GLU A 11 -1.75 -1.24 7.77
CA GLU A 11 -2.47 -2.28 8.50
C GLU A 11 -3.67 -1.68 9.22
N SER A 12 -3.45 -0.58 9.92
CA SER A 12 -4.52 0.07 10.66
C SER A 12 -5.66 0.44 9.71
N LEU A 13 -5.30 1.04 8.57
CA LEU A 13 -6.30 1.43 7.59
C LEU A 13 -7.12 0.23 7.14
N LYS A 14 -6.43 -0.86 6.82
CA LYS A 14 -7.10 -2.08 6.39
C LYS A 14 -8.09 -2.56 7.44
N SER A 15 -7.64 -2.60 8.69
CA SER A 15 -8.50 -3.03 9.78
C SER A 15 -9.75 -2.16 9.84
N PHE A 16 -9.55 -0.85 9.77
CA PHE A 16 -10.67 0.08 9.82
C PHE A 16 -11.66 -0.22 8.69
N GLN A 17 -11.14 -0.40 7.48
CA GLN A 17 -11.98 -0.69 6.33
C GLN A 17 -12.80 -1.95 6.58
N ALA B 1 -15.73 3.97 -4.40
CA ALA B 1 -15.78 2.62 -3.78
C ALA B 1 -14.74 2.54 -2.67
N THR B 2 -14.68 1.39 -2.00
CA THR B 2 -13.73 1.20 -0.92
C THR B 2 -12.30 1.34 -1.43
N LEU B 3 -12.06 0.86 -2.64
CA LEU B 3 -10.72 0.93 -3.24
C LEU B 3 -10.25 2.38 -3.30
N GLU B 4 -11.13 3.26 -3.79
CA GLU B 4 -10.79 4.68 -3.90
C GLU B 4 -10.40 5.24 -2.54
N LYS B 5 -11.20 4.95 -1.53
CA LYS B 5 -10.92 5.43 -0.18
C LYS B 5 -9.54 4.98 0.29
N LEU B 6 -9.25 3.69 0.09
CA LEU B 6 -7.97 3.14 0.50
C LEU B 6 -6.83 3.88 -0.19
N MET B 7 -6.96 4.10 -1.49
CA MET B 7 -5.94 4.80 -2.25
C MET B 7 -5.71 6.19 -1.67
N LYS B 8 -6.79 6.91 -1.42
CA LYS B 8 -6.69 8.26 -0.86
C LYS B 8 -5.93 8.24 0.47
N ALA B 9 -6.30 7.30 1.33
CA ALA B 9 -5.65 7.19 2.63
C ALA B 9 -4.14 6.97 2.46
N PHE B 10 -3.78 6.05 1.56
CA PHE B 10 -2.37 5.76 1.31
C PHE B 10 -1.64 7.03 0.87
N GLU B 11 -2.22 7.75 -0.07
CA GLU B 11 -1.62 8.98 -0.57
C GLU B 11 -1.38 9.96 0.57
N SER B 12 -2.40 10.14 1.41
CA SER B 12 -2.28 11.07 2.53
C SER B 12 -1.12 10.65 3.43
N LEU B 13 -1.05 9.36 3.74
CA LEU B 13 0.03 8.85 4.58
C LEU B 13 1.38 9.16 3.98
N LYS B 14 1.52 8.89 2.69
CA LYS B 14 2.78 9.16 1.99
C LYS B 14 3.16 10.62 2.11
N SER B 15 2.20 11.50 1.86
CA SER B 15 2.45 12.94 1.94
C SER B 15 2.95 13.29 3.34
N PHE B 16 2.27 12.77 4.35
CA PHE B 16 2.65 13.05 5.73
C PHE B 16 4.09 12.61 5.98
N GLN B 17 4.42 11.40 5.54
CA GLN B 17 5.77 10.86 5.71
C GLN B 17 6.79 11.80 5.08
N ALA C 1 13.04 -8.28 6.65
CA ALA C 1 11.80 -8.98 7.10
C ALA C 1 10.75 -8.91 5.99
N THR C 2 9.59 -9.51 6.24
CA THR C 2 8.52 -9.52 5.26
C THR C 2 8.07 -8.09 4.95
N LEU C 3 8.06 -7.25 5.98
CA LEU C 3 7.64 -5.85 5.80
C LEU C 3 8.51 -5.16 4.76
N GLU C 4 9.82 -5.34 4.88
CA GLU C 4 10.76 -4.73 3.93
C GLU C 4 10.44 -5.17 2.51
N LYS C 5 10.24 -6.47 2.32
CA LYS C 5 9.94 -7.01 1.00
C LYS C 5 8.68 -6.36 0.43
N LEU C 6 7.63 -6.28 1.26
CA LEU C 6 6.38 -5.67 0.82
C LEU C 6 6.61 -4.24 0.37
N MET C 7 7.35 -3.47 1.17
CA MET C 7 7.63 -2.09 0.84
C MET C 7 8.33 -1.99 -0.52
N LYS C 8 9.35 -2.83 -0.71
CA LYS C 8 10.09 -2.83 -1.97
C LYS C 8 9.15 -3.09 -3.15
N ALA C 9 8.30 -4.10 -3.00
CA ALA C 9 7.36 -4.44 -4.06
C ALA C 9 6.47 -3.25 -4.40
N PHE C 10 5.94 -2.60 -3.37
CA PHE C 10 5.08 -1.44 -3.56
C PHE C 10 5.81 -0.36 -4.35
N GLU C 11 7.04 -0.07 -3.94
CA GLU C 11 7.84 0.95 -4.61
C GLU C 11 8.00 0.61 -6.08
N SER C 12 8.35 -0.64 -6.37
CA SER C 12 8.54 -1.07 -7.75
C SER C 12 7.26 -0.84 -8.54
N LEU C 13 6.13 -1.25 -7.97
CA LEU C 13 4.85 -1.07 -8.64
C LEU C 13 4.60 0.40 -8.96
N LYS C 14 4.83 1.26 -7.98
CA LYS C 14 4.64 2.69 -8.17
C LYS C 14 5.50 3.20 -9.32
N SER C 15 6.77 2.81 -9.33
CA SER C 15 7.68 3.23 -10.38
C SER C 15 7.13 2.81 -11.74
N PHE C 16 6.71 1.56 -11.82
CA PHE C 16 6.17 1.03 -13.08
C PHE C 16 4.98 1.87 -13.53
N GLN C 17 4.06 2.15 -12.61
CA GLN C 17 2.88 2.95 -12.92
C GLN C 17 3.29 4.31 -13.48
N ALA D 1 -9.35 2.25 -13.79
CA ALA D 1 -8.38 3.37 -13.74
C ALA D 1 -7.07 2.87 -13.14
N THR D 2 -6.08 3.76 -13.05
CA THR D 2 -4.78 3.39 -12.51
C THR D 2 -4.92 2.93 -11.06
N LEU D 3 -5.82 3.58 -10.33
CA LEU D 3 -6.04 3.22 -8.92
C LEU D 3 -6.43 1.76 -8.79
N GLU D 4 -7.37 1.33 -9.62
CA GLU D 4 -7.83 -0.06 -9.60
C GLU D 4 -6.66 -1.01 -9.83
N LYS D 5 -5.85 -0.72 -10.84
CA LYS D 5 -4.70 -1.56 -11.15
C LYS D 5 -3.77 -1.68 -9.94
N LEU D 6 -3.48 -0.53 -9.32
CA LEU D 6 -2.60 -0.52 -8.16
C LEU D 6 -3.16 -1.41 -7.05
N MET D 7 -4.46 -1.27 -6.78
CA MET D 7 -5.10 -2.06 -5.75
C MET D 7 -4.95 -3.55 -6.05
N LYS D 8 -5.22 -3.93 -7.29
CA LYS D 8 -5.10 -5.33 -7.70
C LYS D 8 -3.69 -5.85 -7.44
N ALA D 9 -2.70 -5.07 -7.86
CA ALA D 9 -1.31 -5.46 -7.67
C ALA D 9 -1.01 -5.69 -6.19
N PHE D 10 -1.44 -4.76 -5.35
CA PHE D 10 -1.22 -4.87 -3.91
C PHE D 10 -1.82 -6.17 -3.38
N GLU D 11 -3.06 -6.44 -3.77
CA GLU D 11 -3.75 -7.65 -3.32
C GLU D 11 -2.95 -8.88 -3.71
N SER D 12 -2.51 -8.93 -4.96
CA SER D 12 -1.74 -10.07 -5.45
C SER D 12 -0.49 -10.25 -4.59
N LEU D 13 0.22 -9.15 -4.34
CA LEU D 13 1.43 -9.21 -3.53
C LEU D 13 1.13 -9.79 -2.15
N LYS D 14 0.07 -9.29 -1.53
CA LYS D 14 -0.32 -9.77 -0.20
C LYS D 14 -0.57 -11.27 -0.23
N SER D 15 -1.32 -11.72 -1.22
CA SER D 15 -1.63 -13.14 -1.35
C SER D 15 -0.34 -13.94 -1.44
N PHE D 16 0.57 -13.48 -2.29
CA PHE D 16 1.85 -14.17 -2.47
C PHE D 16 2.59 -14.26 -1.14
N GLN D 17 2.65 -13.15 -0.41
CA GLN D 17 3.33 -13.12 0.88
C GLN D 17 2.72 -14.15 1.82
N ALA A 1 13.19 3.71 10.45
CA ALA A 1 12.07 2.74 10.61
C ALA A 1 10.82 3.29 9.92
N THR A 2 11.02 3.96 8.79
CA THR A 2 9.91 4.53 8.04
C THR A 2 9.03 3.42 7.47
N LEU A 3 9.67 2.37 6.97
CA LEU A 3 8.94 1.26 6.39
C LEU A 3 7.96 0.66 7.40
N GLU A 4 8.46 0.43 8.62
CA GLU A 4 7.63 -0.13 9.68
C GLU A 4 6.40 0.75 9.93
N LYS A 5 6.64 2.05 10.03
CA LYS A 5 5.55 3.00 10.28
C LYS A 5 4.50 2.90 9.18
N LEU A 6 4.96 2.89 7.93
CA LEU A 6 4.05 2.79 6.79
C LEU A 6 3.20 1.53 6.89
N MET A 7 3.85 0.40 7.18
CA MET A 7 3.14 -0.87 7.30
C MET A 7 2.06 -0.77 8.37
N LYS A 8 2.42 -0.22 9.52
CA LYS A 8 1.47 -0.09 10.62
C LYS A 8 0.25 0.73 10.18
N ALA A 9 0.52 1.85 9.52
CA ALA A 9 -0.55 2.72 9.05
C ALA A 9 -1.49 1.95 8.12
N PHE A 10 -0.91 1.23 7.18
CA PHE A 10 -1.70 0.45 6.23
C PHE A 10 -2.60 -0.54 6.96
N GLU A 11 -2.02 -1.25 7.92
CA GLU A 11 -2.78 -2.24 8.70
C GLU A 11 -3.97 -1.57 9.39
N SER A 12 -3.70 -0.43 10.03
CA SER A 12 -4.75 0.29 10.74
C SER A 12 -5.88 0.65 9.75
N LEU A 13 -5.51 1.18 8.60
CA LEU A 13 -6.49 1.56 7.60
C LEU A 13 -7.34 0.35 7.20
N LYS A 14 -6.68 -0.77 6.94
CA LYS A 14 -7.40 -1.99 6.56
C LYS A 14 -8.41 -2.38 7.63
N SER A 15 -7.96 -2.37 8.88
CA SER A 15 -8.83 -2.73 10.00
C SER A 15 -10.05 -1.81 10.01
N PHE A 16 -9.82 -0.51 9.87
CA PHE A 16 -10.90 0.46 9.86
C PHE A 16 -11.89 0.14 8.76
N GLN A 17 -11.38 -0.12 7.56
CA GLN A 17 -12.22 -0.44 6.42
C GLN A 17 -13.09 -1.67 6.72
N ALA B 1 -16.72 2.07 -3.59
CA ALA B 1 -15.56 2.98 -3.84
C ALA B 1 -14.53 2.78 -2.73
N THR B 2 -14.38 1.55 -2.27
CA THR B 2 -13.43 1.23 -1.22
C THR B 2 -12.00 1.44 -1.71
N LEU B 3 -11.75 1.03 -2.95
CA LEU B 3 -10.42 1.17 -3.52
C LEU B 3 -9.97 2.63 -3.51
N GLU B 4 -10.86 3.51 -3.95
CA GLU B 4 -10.56 4.94 -3.99
C GLU B 4 -10.19 5.45 -2.59
N LYS B 5 -10.99 5.07 -1.60
CA LYS B 5 -10.73 5.49 -0.23
C LYS B 5 -9.35 5.04 0.22
N LEU B 6 -9.03 3.77 -0.04
CA LEU B 6 -7.73 3.23 0.34
C LEU B 6 -6.60 4.04 -0.29
N MET B 7 -6.73 4.32 -1.59
CA MET B 7 -5.72 5.09 -2.30
C MET B 7 -5.53 6.45 -1.65
N LYS B 8 -6.63 7.13 -1.35
CA LYS B 8 -6.57 8.44 -0.73
C LYS B 8 -5.81 8.37 0.59
N ALA B 9 -6.16 7.38 1.41
CA ALA B 9 -5.51 7.21 2.71
C ALA B 9 -4.00 7.04 2.53
N PHE B 10 -3.62 6.18 1.60
CA PHE B 10 -2.20 5.94 1.33
C PHE B 10 -1.49 7.24 0.97
N GLU B 11 -2.10 8.00 0.07
CA GLU B 11 -1.51 9.27 -0.37
C GLU B 11 -1.31 10.20 0.83
N SER B 12 -2.33 10.31 1.67
CA SER B 12 -2.25 11.17 2.84
C SER B 12 -1.07 10.73 3.72
N LEU B 13 -0.97 9.44 3.97
CA LEU B 13 0.10 8.90 4.79
C LEU B 13 1.46 9.28 4.20
N LYS B 14 1.61 9.08 2.90
CA LYS B 14 2.87 9.41 2.23
C LYS B 14 3.21 10.88 2.43
N SER B 15 2.23 11.75 2.22
CA SER B 15 2.44 13.18 2.38
C SER B 15 2.93 13.47 3.80
N PHE B 16 2.26 12.89 4.78
CA PHE B 16 2.63 13.09 6.18
C PHE B 16 4.07 12.67 6.41
N GLN B 17 4.44 11.49 5.91
CA GLN B 17 5.79 10.99 6.06
C GLN B 17 6.80 11.97 5.47
N ALA C 1 11.81 -9.91 7.68
CA ALA C 1 11.98 -8.70 6.83
C ALA C 1 10.85 -8.66 5.79
N THR C 2 9.66 -9.09 6.20
CA THR C 2 8.51 -9.09 5.32
C THR C 2 8.10 -7.67 4.96
N LEU C 3 8.14 -6.78 5.95
CA LEU C 3 7.77 -5.40 5.72
C LEU C 3 8.63 -4.78 4.63
N GLU C 4 9.94 -4.99 4.73
CA GLU C 4 10.87 -4.45 3.74
C GLU C 4 10.50 -4.94 2.33
N LYS C 5 10.25 -6.24 2.22
CA LYS C 5 9.90 -6.83 0.92
C LYS C 5 8.65 -6.16 0.36
N LEU C 6 7.63 -6.01 1.20
CA LEU C 6 6.39 -5.38 0.78
C LEU C 6 6.65 -3.97 0.25
N MET C 7 7.43 -3.19 1.00
CA MET C 7 7.76 -1.84 0.60
C MET C 7 8.42 -1.83 -0.77
N LYS C 8 9.40 -2.71 -0.95
CA LYS C 8 10.11 -2.79 -2.22
C LYS C 8 9.14 -3.06 -3.37
N ALA C 9 8.26 -4.03 -3.16
CA ALA C 9 7.28 -4.39 -4.18
C ALA C 9 6.42 -3.17 -4.55
N PHE C 10 5.94 -2.47 -3.53
CA PHE C 10 5.11 -1.29 -3.76
C PHE C 10 5.86 -0.27 -4.60
N GLU C 11 7.10 -0.01 -4.24
CA GLU C 11 7.92 0.96 -4.97
C GLU C 11 8.04 0.56 -6.44
N SER C 12 8.34 -0.72 -6.67
CA SER C 12 8.48 -1.22 -8.03
C SER C 12 7.18 -0.97 -8.81
N LEU C 13 6.06 -1.31 -8.20
CA LEU C 13 4.77 -1.13 -8.84
C LEU C 13 4.56 0.34 -9.21
N LYS C 14 4.84 1.23 -8.27
CA LYS C 14 4.69 2.66 -8.52
C LYS C 14 5.53 3.09 -9.72
N SER C 15 6.79 2.66 -9.73
CA SER C 15 7.70 3.01 -10.82
C SER C 15 7.10 2.55 -12.15
N PHE C 16 6.63 1.30 -12.18
CA PHE C 16 6.03 0.75 -13.39
C PHE C 16 4.87 1.60 -13.85
N GLN C 17 3.98 1.96 -12.92
CA GLN C 17 2.83 2.77 -13.24
C GLN C 17 3.26 4.10 -13.86
N ALA D 1 -8.28 4.12 -14.53
CA ALA D 1 -8.49 2.98 -13.59
C ALA D 1 -7.14 2.59 -12.98
N THR D 2 -6.29 3.58 -12.73
CA THR D 2 -4.99 3.33 -12.14
C THR D 2 -5.13 2.81 -10.71
N LEU D 3 -6.07 3.39 -9.97
CA LEU D 3 -6.29 2.97 -8.60
C LEU D 3 -6.62 1.49 -8.52
N GLU D 4 -7.53 1.05 -9.39
CA GLU D 4 -7.93 -0.35 -9.42
C GLU D 4 -6.72 -1.25 -9.67
N LYS D 5 -5.91 -0.88 -10.65
CA LYS D 5 -4.71 -1.66 -10.97
C LYS D 5 -3.80 -1.78 -9.76
N LEU D 6 -3.56 -0.65 -9.09
CA LEU D 6 -2.71 -0.65 -7.91
C LEU D 6 -3.25 -1.60 -6.85
N MET D 7 -4.55 -1.53 -6.59
CA MET D 7 -5.18 -2.39 -5.60
C MET D 7 -4.96 -3.85 -5.96
N LYS D 8 -5.19 -4.20 -7.22
CA LYS D 8 -5.01 -5.57 -7.67
C LYS D 8 -3.58 -6.04 -7.41
N ALA D 9 -2.62 -5.21 -7.77
CA ALA D 9 -1.21 -5.54 -7.58
C ALA D 9 -0.93 -5.82 -6.10
N PHE D 10 -1.41 -4.93 -5.24
CA PHE D 10 -1.21 -5.09 -3.81
C PHE D 10 -1.76 -6.43 -3.33
N GLU D 11 -2.98 -6.74 -3.75
CA GLU D 11 -3.63 -8.00 -3.36
C GLU D 11 -2.77 -9.19 -3.78
N SER D 12 -2.30 -9.16 -5.03
CA SER D 12 -1.48 -10.25 -5.54
C SER D 12 -0.23 -10.41 -4.67
N LEU D 13 0.42 -9.30 -4.36
CA LEU D 13 1.62 -9.33 -3.54
C LEU D 13 1.32 -9.97 -2.19
N LYS D 14 0.23 -9.53 -1.56
CA LYS D 14 -0.16 -10.08 -0.26
C LYS D 14 -0.34 -11.59 -0.35
N SER D 15 -1.06 -12.04 -1.37
CA SER D 15 -1.31 -13.47 -1.56
C SER D 15 0.02 -14.20 -1.65
N PHE D 16 0.93 -13.68 -2.47
CA PHE D 16 2.24 -14.29 -2.64
C PHE D 16 2.96 -14.41 -1.31
N GLN D 17 2.96 -13.33 -0.54
CA GLN D 17 3.61 -13.31 0.75
C GLN D 17 3.03 -14.41 1.66
N ALA A 1 12.43 2.52 9.33
CA ALA A 1 11.55 3.36 10.19
C ALA A 1 10.29 3.76 9.42
N THR A 2 10.49 4.27 8.21
CA THR A 2 9.37 4.68 7.38
C THR A 2 8.53 3.47 6.97
N LEU A 3 9.20 2.38 6.64
CA LEU A 3 8.52 1.16 6.23
C LEU A 3 7.58 0.68 7.34
N GLU A 4 8.09 0.66 8.57
CA GLU A 4 7.28 0.22 9.70
C GLU A 4 6.03 1.08 9.84
N LYS A 5 6.21 2.39 9.75
CA LYS A 5 5.09 3.31 9.87
C LYS A 5 4.04 3.02 8.81
N LEU A 6 4.48 2.83 7.56
CA LEU A 6 3.58 2.54 6.46
C LEU A 6 2.78 1.28 6.76
N MET A 7 3.47 0.24 7.19
CA MET A 7 2.81 -1.03 7.51
C MET A 7 1.73 -0.82 8.57
N LYS A 8 2.07 -0.10 9.62
CA LYS A 8 1.13 0.16 10.70
C LYS A 8 -0.11 0.86 10.16
N ALA A 9 0.10 1.89 9.35
CA ALA A 9 -1.01 2.63 8.77
C ALA A 9 -1.92 1.70 7.96
N PHE A 10 -1.31 0.87 7.13
CA PHE A 10 -2.08 -0.07 6.31
C PHE A 10 -2.93 -0.97 7.20
N GLU A 11 -2.33 -1.52 8.24
CA GLU A 11 -3.04 -2.41 9.16
C GLU A 11 -4.25 -1.69 9.76
N SER A 12 -4.02 -0.47 10.22
CA SER A 12 -5.10 0.32 10.82
C SER A 12 -6.24 0.48 9.83
N LEU A 13 -5.90 0.84 8.60
CA LEU A 13 -6.91 1.03 7.55
C LEU A 13 -7.71 -0.24 7.35
N LYS A 14 -7.01 -1.37 7.25
CA LYS A 14 -7.67 -2.66 7.07
C LYS A 14 -8.65 -2.92 8.19
N SER A 15 -8.21 -2.71 9.43
CA SER A 15 -9.06 -2.93 10.59
C SER A 15 -10.31 -2.08 10.48
N PHE A 16 -10.13 -0.81 10.15
CA PHE A 16 -11.25 0.11 10.01
C PHE A 16 -12.24 -0.41 8.97
N GLN A 17 -11.72 -0.82 7.83
CA GLN A 17 -12.56 -1.34 6.75
C GLN A 17 -13.38 -2.53 7.25
N ALA B 1 -15.06 1.79 -4.23
CA ALA B 1 -15.24 2.67 -3.04
C ALA B 1 -14.09 2.46 -2.06
N THR B 2 -13.83 1.19 -1.74
CA THR B 2 -12.76 0.87 -0.81
C THR B 2 -11.40 1.23 -1.42
N LEU B 3 -11.23 0.95 -2.70
CA LEU B 3 -9.98 1.25 -3.39
C LEU B 3 -9.67 2.74 -3.29
N GLU B 4 -10.67 3.57 -3.57
CA GLU B 4 -10.48 5.01 -3.51
C GLU B 4 -10.01 5.44 -2.12
N LYS B 5 -10.68 4.92 -1.10
CA LYS B 5 -10.32 5.26 0.28
C LYS B 5 -8.87 4.90 0.56
N LEU B 6 -8.47 3.69 0.16
CA LEU B 6 -7.11 3.23 0.37
C LEU B 6 -6.11 4.19 -0.29
N MET B 7 -6.39 4.54 -1.54
CA MET B 7 -5.52 5.46 -2.27
C MET B 7 -5.37 6.78 -1.52
N LYS B 8 -6.49 7.33 -1.07
CA LYS B 8 -6.47 8.59 -0.34
C LYS B 8 -5.59 8.48 0.90
N ALA B 9 -5.77 7.41 1.66
CA ALA B 9 -4.99 7.20 2.86
C ALA B 9 -3.49 7.16 2.53
N PHE B 10 -3.14 6.42 1.50
CA PHE B 10 -1.74 6.33 1.09
C PHE B 10 -1.18 7.71 0.77
N GLU B 11 -1.92 8.48 0.00
CA GLU B 11 -1.50 9.83 -0.38
C GLU B 11 -1.24 10.67 0.87
N SER B 12 -2.18 10.63 1.80
CA SER B 12 -2.05 11.39 3.04
C SER B 12 -0.77 11.00 3.76
N LEU B 13 -0.54 9.70 3.89
CA LEU B 13 0.66 9.20 4.56
C LEU B 13 1.91 9.74 3.89
N LYS B 14 1.95 9.66 2.56
CA LYS B 14 3.10 10.15 1.80
C LYS B 14 3.34 11.62 2.10
N SER B 15 2.28 12.42 2.06
CA SER B 15 2.39 13.85 2.33
C SER B 15 3.00 14.06 3.71
N PHE B 16 2.47 13.34 4.69
CA PHE B 16 2.96 13.47 6.06
C PHE B 16 4.45 13.16 6.12
N GLN B 17 4.85 12.07 5.49
CA GLN B 17 6.25 11.66 5.47
C GLN B 17 7.12 12.78 4.89
N ALA C 1 10.97 -8.32 7.63
CA ALA C 1 11.27 -9.02 6.35
C ALA C 1 10.11 -8.82 5.38
N THR C 2 8.89 -9.08 5.85
CA THR C 2 7.72 -8.91 5.01
C THR C 2 7.51 -7.44 4.66
N LEU C 3 7.71 -6.57 5.63
CA LEU C 3 7.55 -5.14 5.42
C LEU C 3 8.46 -4.66 4.29
N GLU C 4 9.73 -5.07 4.35
CA GLU C 4 10.69 -4.68 3.33
C GLU C 4 10.22 -5.11 1.95
N LYS C 5 9.78 -6.36 1.85
CA LYS C 5 9.30 -6.88 0.57
C LYS C 5 8.15 -6.04 0.03
N LEU C 6 7.19 -5.73 0.90
CA LEU C 6 6.04 -4.93 0.51
C LEU C 6 6.50 -3.57 -0.03
N MET C 7 7.40 -2.93 0.69
CA MET C 7 7.92 -1.63 0.27
C MET C 7 8.54 -1.72 -1.12
N LYS C 8 9.36 -2.74 -1.33
CA LYS C 8 10.02 -2.92 -2.62
C LYS C 8 8.99 -3.06 -3.73
N ALA C 9 7.97 -3.89 -3.49
CA ALA C 9 6.93 -4.09 -4.48
C ALA C 9 6.24 -2.77 -4.83
N PHE C 10 5.90 -2.00 -3.80
CA PHE C 10 5.25 -0.71 -4.02
C PHE C 10 6.12 0.18 -4.89
N GLU C 11 7.40 0.26 -4.56
CA GLU C 11 8.33 1.09 -5.32
C GLU C 11 8.34 0.68 -6.79
N SER C 12 8.44 -0.63 -7.02
CA SER C 12 8.46 -1.15 -8.38
C SER C 12 7.21 -0.72 -9.13
N LEU C 13 6.06 -0.88 -8.48
CA LEU C 13 4.78 -0.50 -9.09
C LEU C 13 4.79 0.96 -9.47
N LYS C 14 5.23 1.81 -8.54
CA LYS C 14 5.29 3.25 -8.79
C LYS C 14 6.15 3.54 -10.01
N SER C 15 7.33 2.93 -10.06
CA SER C 15 8.24 3.14 -11.19
C SER C 15 7.54 2.77 -12.49
N PHE C 16 6.89 1.61 -12.49
CA PHE C 16 6.19 1.14 -13.69
C PHE C 16 5.14 2.17 -14.12
N GLN C 17 4.36 2.64 -13.17
CA GLN C 17 3.32 3.63 -13.45
C GLN C 17 3.93 4.87 -14.10
N ALA D 1 -8.33 4.01 -12.74
CA ALA D 1 -7.58 2.98 -13.50
C ALA D 1 -6.31 2.60 -12.74
N THR D 2 -5.56 3.61 -12.32
CA THR D 2 -4.33 3.37 -11.58
C THR D 2 -4.64 2.75 -10.22
N LEU D 3 -5.68 3.25 -9.57
CA LEU D 3 -6.08 2.74 -8.26
C LEU D 3 -6.37 1.24 -8.34
N GLU D 4 -7.15 0.85 -9.35
CA GLU D 4 -7.49 -0.56 -9.53
C GLU D 4 -6.24 -1.41 -9.67
N LYS D 5 -5.32 -0.96 -10.50
CA LYS D 5 -4.07 -1.69 -10.72
C LYS D 5 -3.32 -1.87 -9.40
N LEU D 6 -3.21 -0.79 -8.62
CA LEU D 6 -2.51 -0.85 -7.35
C LEU D 6 -3.16 -1.89 -6.44
N MET D 7 -4.48 -1.85 -6.35
CA MET D 7 -5.21 -2.80 -5.51
C MET D 7 -4.90 -4.23 -5.93
N LYS D 8 -4.95 -4.49 -7.23
CA LYS D 8 -4.67 -5.83 -7.74
C LYS D 8 -3.29 -6.28 -7.33
N ALA D 9 -2.30 -5.41 -7.51
CA ALA D 9 -0.93 -5.73 -7.15
C ALA D 9 -0.83 -6.09 -5.67
N PHE D 10 -1.45 -5.28 -4.83
CA PHE D 10 -1.43 -5.54 -3.39
C PHE D 10 -2.01 -6.92 -3.08
N GLU D 11 -3.15 -7.23 -3.68
CA GLU D 11 -3.80 -8.51 -3.47
C GLU D 11 -2.86 -9.66 -3.84
N SER D 12 -2.24 -9.53 -5.01
CA SER D 12 -1.31 -10.56 -5.48
C SER D 12 -0.20 -10.76 -4.46
N LEU D 13 0.38 -9.66 -4.00
CA LEU D 13 1.46 -9.72 -3.02
C LEU D 13 1.01 -10.46 -1.77
N LYS D 14 -0.17 -10.10 -1.27
CA LYS D 14 -0.72 -10.74 -0.08
C LYS D 14 -0.84 -12.24 -0.28
N SER D 15 -1.41 -12.63 -1.42
CA SER D 15 -1.57 -14.05 -1.74
C SER D 15 -0.22 -14.75 -1.70
N PHE D 16 0.76 -14.14 -2.35
CA PHE D 16 2.10 -14.72 -2.39
C PHE D 16 2.64 -14.92 -0.98
N GLN D 17 2.51 -13.89 -0.15
CA GLN D 17 2.98 -13.95 1.23
C GLN D 17 2.33 -15.12 1.96
N ALA A 1 11.70 3.28 12.43
CA ALA A 1 12.01 3.26 10.97
C ALA A 1 10.77 3.72 10.20
N THR A 2 11.00 4.32 9.03
CA THR A 2 9.90 4.79 8.21
C THR A 2 9.05 3.63 7.71
N LEU A 3 9.71 2.54 7.33
CA LEU A 3 9.00 1.36 6.84
C LEU A 3 8.01 0.86 7.89
N GLU A 4 8.47 0.75 9.14
CA GLU A 4 7.62 0.28 10.22
C GLU A 4 6.39 1.17 10.35
N LYS A 5 6.60 2.48 10.34
CA LYS A 5 5.50 3.42 10.47
C LYS A 5 4.48 3.21 9.35
N LEU A 6 4.97 3.08 8.12
CA LEU A 6 4.09 2.87 6.99
C LEU A 6 3.25 1.62 7.18
N MET A 7 3.91 0.53 7.58
CA MET A 7 3.21 -0.73 7.81
C MET A 7 2.10 -0.55 8.84
N LYS A 8 2.42 0.11 9.95
CA LYS A 8 1.43 0.34 11.00
C LYS A 8 0.23 1.10 10.46
N ALA A 9 0.50 2.16 9.70
CA ALA A 9 -0.57 2.96 9.12
C ALA A 9 -1.47 2.11 8.25
N PHE A 10 -0.85 1.29 7.39
CA PHE A 10 -1.62 0.42 6.51
C PHE A 10 -2.53 -0.50 7.31
N GLU A 11 -1.97 -1.12 8.34
CA GLU A 11 -2.74 -2.02 9.19
C GLU A 11 -3.94 -1.31 9.78
N SER A 12 -3.71 -0.12 10.31
CA SER A 12 -4.79 0.66 10.92
C SER A 12 -5.89 0.90 9.89
N LEU A 13 -5.49 1.32 8.70
CA LEU A 13 -6.45 1.59 7.64
C LEU A 13 -7.29 0.35 7.34
N LYS A 14 -6.61 -0.79 7.20
CA LYS A 14 -7.29 -2.04 6.92
C LYS A 14 -8.32 -2.35 8.00
N SER A 15 -7.91 -2.21 9.26
CA SER A 15 -8.81 -2.47 10.38
C SER A 15 -10.04 -1.57 10.27
N PHE A 16 -9.81 -0.29 10.01
CA PHE A 16 -10.91 0.66 9.89
C PHE A 16 -11.87 0.23 8.80
N GLN A 17 -11.32 -0.14 7.64
CA GLN A 17 -12.14 -0.58 6.52
C GLN A 17 -13.01 -1.77 6.91
N ALA B 1 -16.48 4.54 -3.17
CA ALA B 1 -15.93 3.17 -3.36
C ALA B 1 -14.83 2.92 -2.34
N THR B 2 -14.65 1.66 -1.95
CA THR B 2 -13.63 1.31 -0.98
C THR B 2 -12.23 1.58 -1.54
N LEU B 3 -12.04 1.27 -2.81
CA LEU B 3 -10.75 1.50 -3.46
C LEU B 3 -10.35 2.97 -3.35
N GLU B 4 -11.29 3.86 -3.68
CA GLU B 4 -11.03 5.29 -3.63
C GLU B 4 -10.58 5.70 -2.22
N LYS B 5 -11.31 5.23 -1.22
CA LYS B 5 -10.98 5.56 0.16
C LYS B 5 -9.56 5.11 0.50
N LEU B 6 -9.22 3.88 0.13
CA LEU B 6 -7.90 3.36 0.39
C LEU B 6 -6.83 4.24 -0.24
N MET B 7 -7.04 4.60 -1.50
CA MET B 7 -6.10 5.46 -2.21
C MET B 7 -5.89 6.77 -1.47
N LYS B 8 -7.01 7.40 -1.07
CA LYS B 8 -6.93 8.66 -0.34
C LYS B 8 -6.11 8.51 0.93
N ALA B 9 -6.37 7.46 1.68
CA ALA B 9 -5.64 7.21 2.92
C ALA B 9 -4.15 7.10 2.65
N PHE B 10 -3.80 6.32 1.62
CA PHE B 10 -2.39 6.15 1.27
C PHE B 10 -1.74 7.49 0.96
N GLU B 11 -2.41 8.30 0.16
CA GLU B 11 -1.90 9.61 -0.20
C GLU B 11 -1.64 10.45 1.04
N SER B 12 -2.61 10.47 1.94
CA SER B 12 -2.48 11.24 3.17
C SER B 12 -1.25 10.78 3.94
N LEU B 13 -1.10 9.47 4.08
CA LEU B 13 0.04 8.91 4.80
C LEU B 13 1.35 9.38 4.17
N LYS B 14 1.43 9.28 2.85
CA LYS B 14 2.62 9.69 2.13
C LYS B 14 2.95 11.15 2.42
N SER B 15 1.93 12.00 2.34
CA SER B 15 2.12 13.43 2.59
C SER B 15 2.68 13.63 4.00
N PHE B 16 2.08 12.95 4.97
CA PHE B 16 2.53 13.06 6.36
C PHE B 16 4.00 12.67 6.47
N GLN B 17 4.36 11.54 5.86
CA GLN B 17 5.73 11.07 5.90
C GLN B 17 6.69 12.12 5.34
N ALA C 1 13.37 -9.49 5.76
CA ALA C 1 12.13 -9.24 6.53
C ALA C 1 10.96 -9.10 5.56
N THR C 2 9.76 -9.47 6.03
CA THR C 2 8.57 -9.37 5.19
C THR C 2 8.26 -7.92 4.84
N LEU C 3 8.43 -7.04 5.82
CA LEU C 3 8.17 -5.62 5.61
C LEU C 3 9.02 -5.08 4.46
N GLU C 4 10.32 -5.41 4.49
CA GLU C 4 11.23 -4.96 3.45
C GLU C 4 10.75 -5.42 2.08
N LYS C 5 10.39 -6.70 1.98
CA LYS C 5 9.93 -7.25 0.72
C LYS C 5 8.71 -6.48 0.21
N LEU C 6 7.75 -6.24 1.10
CA LEU C 6 6.55 -5.51 0.73
C LEU C 6 6.90 -4.13 0.18
N MET C 7 7.78 -3.43 0.89
CA MET C 7 8.20 -2.10 0.46
C MET C 7 8.79 -2.15 -0.94
N LYS C 8 9.69 -3.11 -1.17
CA LYS C 8 10.32 -3.26 -2.48
C LYS C 8 9.27 -3.46 -3.56
N ALA C 9 8.32 -4.35 -3.31
CA ALA C 9 7.26 -4.62 -4.27
C ALA C 9 6.50 -3.35 -4.61
N PHE C 10 6.13 -2.60 -3.57
CA PHE C 10 5.39 -1.35 -3.77
C PHE C 10 6.18 -0.40 -4.66
N GLU C 11 7.46 -0.24 -4.36
CA GLU C 11 8.32 0.64 -5.14
C GLU C 11 8.32 0.23 -6.61
N SER C 12 8.50 -1.06 -6.85
CA SER C 12 8.53 -1.58 -8.21
C SER C 12 7.22 -1.23 -8.92
N LEU C 13 6.11 -1.48 -8.25
CA LEU C 13 4.80 -1.18 -8.83
C LEU C 13 4.71 0.29 -9.22
N LYS C 14 5.11 1.16 -8.29
CA LYS C 14 5.07 2.59 -8.54
C LYS C 14 5.88 2.95 -9.77
N SER C 15 7.10 2.41 -9.86
CA SER C 15 7.97 2.68 -10.99
C SER C 15 7.27 2.26 -12.28
N PHE C 16 6.69 1.06 -12.28
CA PHE C 16 6.00 0.56 -13.46
C PHE C 16 4.88 1.51 -13.87
N GLN C 17 4.08 1.93 -12.89
CA GLN C 17 2.98 2.85 -13.16
C GLN C 17 3.49 4.13 -13.82
N ALA D 1 -8.60 1.68 -15.01
CA ALA D 1 -8.20 2.82 -14.14
C ALA D 1 -6.90 2.47 -13.42
N THR D 2 -6.11 3.49 -13.10
CA THR D 2 -4.85 3.27 -12.41
C THR D 2 -5.08 2.71 -11.01
N LEU D 3 -6.10 3.22 -10.34
CA LEU D 3 -6.42 2.76 -8.99
C LEU D 3 -6.68 1.25 -8.99
N GLU D 4 -7.50 0.80 -9.95
CA GLU D 4 -7.83 -0.61 -10.05
C GLU D 4 -6.56 -1.45 -10.21
N LYS D 5 -5.68 -1.01 -11.11
CA LYS D 5 -4.44 -1.73 -11.35
C LYS D 5 -3.62 -1.84 -10.07
N LEU D 6 -3.49 -0.73 -9.35
CA LEU D 6 -2.75 -0.72 -8.11
C LEU D 6 -3.32 -1.73 -7.12
N MET D 7 -4.64 -1.71 -6.97
CA MET D 7 -5.31 -2.63 -6.06
C MET D 7 -4.99 -4.07 -6.42
N LYS D 8 -5.11 -4.39 -7.72
CA LYS D 8 -4.82 -5.75 -8.18
C LYS D 8 -3.40 -6.16 -7.82
N ALA D 9 -2.45 -5.27 -8.08
CA ALA D 9 -1.05 -5.55 -7.77
C ALA D 9 -0.88 -5.86 -6.30
N PHE D 10 -1.48 -5.02 -5.45
CA PHE D 10 -1.38 -5.22 -4.00
C PHE D 10 -1.91 -6.59 -3.61
N GLU D 11 -3.07 -6.94 -4.14
CA GLU D 11 -3.68 -8.23 -3.84
C GLU D 11 -2.74 -9.36 -4.21
N SER D 12 -2.18 -9.28 -5.41
CA SER D 12 -1.26 -10.31 -5.88
C SER D 12 -0.09 -10.45 -4.91
N LEU D 13 0.49 -9.32 -4.53
CA LEU D 13 1.61 -9.32 -3.61
C LEU D 13 1.23 -10.02 -2.30
N LYS D 14 0.08 -9.65 -1.76
CA LYS D 14 -0.40 -10.24 -0.52
C LYS D 14 -0.50 -11.75 -0.65
N SER D 15 -1.11 -12.21 -1.74
CA SER D 15 -1.27 -13.64 -1.98
C SER D 15 0.09 -14.31 -1.99
N PHE D 16 1.04 -13.72 -2.71
CA PHE D 16 2.39 -14.28 -2.79
C PHE D 16 3.00 -14.40 -1.40
N GLN D 17 2.88 -13.34 -0.61
CA GLN D 17 3.43 -13.34 0.74
C GLN D 17 2.83 -14.48 1.56
N ALA A 1 14.22 3.17 8.62
CA ALA A 1 13.38 3.66 9.74
C ALA A 1 12.06 4.19 9.19
N THR A 2 12.13 4.95 8.11
CA THR A 2 10.93 5.51 7.50
C THR A 2 10.07 4.40 6.91
N LEU A 3 10.71 3.42 6.28
CA LEU A 3 9.99 2.31 5.68
C LEU A 3 9.14 1.59 6.72
N GLU A 4 9.74 1.31 7.87
CA GLU A 4 9.04 0.62 8.95
C GLU A 4 7.80 1.42 9.37
N LYS A 5 7.97 2.72 9.55
CA LYS A 5 6.86 3.58 9.95
C LYS A 5 5.74 3.50 8.94
N LEU A 6 6.08 3.60 7.66
CA LEU A 6 5.08 3.53 6.59
C LEU A 6 4.32 2.22 6.66
N MET A 7 5.04 1.12 6.81
CA MET A 7 4.40 -0.19 6.89
C MET A 7 3.41 -0.24 8.05
N LYS A 8 3.84 0.25 9.21
CA LYS A 8 2.98 0.26 10.38
C LYS A 8 1.71 1.03 10.11
N ALA A 9 1.85 2.21 9.52
CA ALA A 9 0.69 3.05 9.20
C ALA A 9 -0.27 2.30 8.30
N PHE A 10 0.27 1.67 7.26
CA PHE A 10 -0.57 0.92 6.32
C PHE A 10 -1.35 -0.17 7.06
N GLU A 11 -0.66 -0.91 7.90
CA GLU A 11 -1.30 -1.98 8.66
C GLU A 11 -2.46 -1.43 9.50
N SER A 12 -2.20 -0.34 10.20
CA SER A 12 -3.22 0.28 11.03
C SER A 12 -4.44 0.63 10.18
N LEU A 13 -4.19 1.26 9.04
CA LEU A 13 -5.27 1.66 8.14
C LEU A 13 -6.10 0.43 7.73
N LYS A 14 -5.41 -0.63 7.34
CA LYS A 14 -6.08 -1.85 6.92
C LYS A 14 -6.98 -2.37 8.04
N SER A 15 -6.43 -2.42 9.25
CA SER A 15 -7.19 -2.90 10.41
C SER A 15 -8.44 -2.06 10.58
N PHE A 16 -8.28 -0.75 10.53
CA PHE A 16 -9.42 0.16 10.68
C PHE A 16 -10.48 -0.13 9.63
N GLN A 17 -10.06 -0.29 8.38
CA GLN A 17 -10.99 -0.58 7.29
C GLN A 17 -11.76 -1.86 7.57
N ALA B 1 -16.28 0.21 -4.61
CA ALA B 1 -16.47 1.40 -3.74
C ALA B 1 -15.45 1.37 -2.61
N THR B 2 -15.28 0.20 -2.01
CA THR B 2 -14.33 0.05 -0.92
C THR B 2 -12.90 0.24 -1.42
N LEU B 3 -12.61 -0.31 -2.60
CA LEU B 3 -11.28 -0.19 -3.18
C LEU B 3 -10.89 1.27 -3.34
N GLU B 4 -11.80 2.07 -3.88
CA GLU B 4 -11.54 3.48 -4.08
C GLU B 4 -11.21 4.17 -2.76
N LYS B 5 -12.01 3.88 -1.74
CA LYS B 5 -11.78 4.47 -0.41
C LYS B 5 -10.39 4.13 0.09
N LEU B 6 -10.02 2.85 -0.02
CA LEU B 6 -8.71 2.40 0.43
C LEU B 6 -7.61 3.17 -0.28
N MET B 7 -7.73 3.29 -1.60
CA MET B 7 -6.73 4.00 -2.39
C MET B 7 -6.58 5.44 -1.90
N LYS B 8 -7.72 6.10 -1.69
CA LYS B 8 -7.71 7.48 -1.23
C LYS B 8 -6.97 7.59 0.10
N ALA B 9 -7.29 6.70 1.03
CA ALA B 9 -6.65 6.70 2.34
C ALA B 9 -5.14 6.56 2.19
N PHE B 10 -4.71 5.61 1.36
CA PHE B 10 -3.28 5.38 1.15
C PHE B 10 -2.62 6.66 0.63
N GLU B 11 -3.24 7.29 -0.35
CA GLU B 11 -2.69 8.52 -0.93
C GLU B 11 -2.52 9.59 0.16
N SER B 12 -3.56 9.76 0.96
CA SER B 12 -3.52 10.75 2.03
C SER B 12 -2.34 10.46 2.96
N LEU B 13 -2.20 9.21 3.36
CA LEU B 13 -1.12 8.80 4.25
C LEU B 13 0.24 9.16 3.63
N LYS B 14 0.41 8.82 2.36
CA LYS B 14 1.65 9.10 1.67
C LYS B 14 1.96 10.60 1.70
N SER B 15 0.95 11.40 1.38
CA SER B 15 1.11 12.86 1.38
C SER B 15 1.57 13.32 2.75
N PHE B 16 0.90 12.84 3.79
CA PHE B 16 1.25 13.21 5.16
C PHE B 16 2.70 12.87 5.45
N GLN B 17 3.11 11.66 5.08
CA GLN B 17 4.49 11.21 5.31
C GLN B 17 5.47 12.16 4.62
N ALA C 1 10.58 -9.32 9.36
CA ALA C 1 11.24 -9.77 8.11
C ALA C 1 10.23 -9.71 6.96
N THR C 2 9.02 -10.20 7.23
CA THR C 2 7.97 -10.20 6.21
C THR C 2 7.56 -8.77 5.87
N LEU C 3 7.46 -7.92 6.90
CA LEU C 3 7.07 -6.54 6.69
C LEU C 3 8.02 -5.84 5.72
N GLU C 4 9.32 -6.03 5.95
CA GLU C 4 10.33 -5.42 5.10
C GLU C 4 10.15 -5.87 3.65
N LYS C 5 9.95 -7.16 3.45
CA LYS C 5 9.76 -7.71 2.10
C LYS C 5 8.57 -7.04 1.43
N LEU C 6 7.45 -6.95 2.16
CA LEU C 6 6.24 -6.34 1.62
C LEU C 6 6.52 -4.91 1.19
N MET C 7 7.19 -4.15 2.05
CA MET C 7 7.50 -2.76 1.74
C MET C 7 8.32 -2.67 0.45
N LYS C 8 9.34 -3.52 0.34
CA LYS C 8 10.18 -3.52 -0.84
C LYS C 8 9.36 -3.77 -2.09
N ALA C 9 8.49 -4.78 -2.03
CA ALA C 9 7.64 -5.12 -3.16
C ALA C 9 6.79 -3.92 -3.57
N PHE C 10 6.18 -3.26 -2.58
CA PHE C 10 5.34 -2.10 -2.86
C PHE C 10 6.15 -1.03 -3.57
N GLU C 11 7.34 -0.74 -3.06
CA GLU C 11 8.19 0.28 -3.66
C GLU C 11 8.49 -0.06 -5.13
N SER C 12 8.85 -1.31 -5.37
CA SER C 12 9.16 -1.75 -6.73
C SER C 12 7.95 -1.50 -7.63
N LEU C 13 6.77 -1.90 -7.17
CA LEU C 13 5.55 -1.73 -7.93
C LEU C 13 5.34 -0.25 -8.28
N LYS C 14 5.50 0.61 -7.27
CA LYS C 14 5.32 2.04 -7.47
C LYS C 14 6.27 2.55 -8.55
N SER C 15 7.53 2.15 -8.45
CA SER C 15 8.55 2.57 -9.42
C SER C 15 8.12 2.14 -10.82
N PHE C 16 7.70 0.89 -10.95
CA PHE C 16 7.25 0.37 -12.25
C PHE C 16 6.12 1.22 -12.80
N GLN C 17 5.13 1.51 -11.95
CA GLN C 17 3.98 2.31 -12.37
C GLN C 17 4.44 3.67 -12.88
N ALA D 1 -8.51 5.94 -13.37
CA ALA D 1 -8.14 4.70 -14.11
C ALA D 1 -6.83 4.15 -13.55
N THR D 2 -5.87 5.05 -13.32
CA THR D 2 -4.58 4.64 -12.79
C THR D 2 -4.73 4.13 -11.36
N LEU D 3 -5.56 4.81 -10.58
CA LEU D 3 -5.78 4.42 -9.19
C LEU D 3 -6.28 2.98 -9.11
N GLU D 4 -7.26 2.66 -9.94
CA GLU D 4 -7.82 1.32 -9.96
C GLU D 4 -6.74 0.28 -10.26
N LYS D 5 -5.92 0.56 -11.26
CA LYS D 5 -4.84 -0.35 -11.64
C LYS D 5 -3.91 -0.58 -10.46
N LEU D 6 -3.52 0.50 -9.79
CA LEU D 6 -2.62 0.41 -8.64
C LEU D 6 -3.22 -0.48 -7.57
N MET D 7 -4.50 -0.25 -7.27
CA MET D 7 -5.18 -1.05 -6.25
C MET D 7 -5.15 -2.53 -6.61
N LYS D 8 -5.46 -2.84 -7.86
CA LYS D 8 -5.46 -4.21 -8.32
C LYS D 8 -4.10 -4.85 -8.12
N ALA D 9 -3.05 -4.13 -8.52
CA ALA D 9 -1.68 -4.63 -8.38
C ALA D 9 -1.38 -4.94 -6.92
N PHE D 10 -1.73 -4.01 -6.03
CA PHE D 10 -1.49 -4.20 -4.61
C PHE D 10 -2.18 -5.47 -4.12
N GLU D 11 -3.44 -5.63 -4.49
CA GLU D 11 -4.20 -6.81 -4.07
C GLU D 11 -3.51 -8.09 -4.53
N SER D 12 -3.10 -8.11 -5.79
CA SER D 12 -2.42 -9.28 -6.34
C SER D 12 -1.17 -9.59 -5.51
N LEU D 13 -0.38 -8.57 -5.23
CA LEU D 13 0.84 -8.73 -4.45
C LEU D 13 0.51 -9.35 -3.08
N LYS D 14 -0.50 -8.80 -2.42
CA LYS D 14 -0.89 -9.29 -1.11
C LYS D 14 -1.25 -10.77 -1.18
N SER D 15 -2.05 -11.13 -2.18
CA SER D 15 -2.47 -12.52 -2.36
C SER D 15 -1.24 -13.41 -2.51
N PHE D 16 -0.31 -12.98 -3.37
CA PHE D 16 0.91 -13.75 -3.59
C PHE D 16 1.66 -13.95 -2.28
N GLN D 17 1.81 -12.88 -1.51
CA GLN D 17 2.52 -12.95 -0.23
C GLN D 17 1.85 -13.97 0.68
#